data_8IWR
#
_entry.id   8IWR
#
_cell.length_a   1.00
_cell.length_b   1.00
_cell.length_c   1.00
_cell.angle_alpha   90.00
_cell.angle_beta   90.00
_cell.angle_gamma   90.00
#
_symmetry.space_group_name_H-M   'P 1'
#
loop_
_entity.id
_entity.type
_entity.pdbx_description
1 polymer 'Calcium-transporting ATPase type 2C member 1'
2 non-polymer 'CALCIUM ION'
3 non-polymer 'MAGNESIUM ION'
4 non-polymer 'PHOSPHOMETHYLPHOSPHONIC ACID ADENYLATE ESTER'
#
_entity_poly.entity_id   1
_entity_poly.type   'polypeptide(L)'
_entity_poly.pdbx_seq_one_letter_code
;MKVARFQKIPNGENETMIPVLTSKKASELPVSEVASILQADLQNGLNKCEVSHRRAFHGWNEFDISEDEPLWKKYISQFK
NPLIMLLLASAVISVLMHQFDDAVSITVAILIVVTVAFVQEYRSEKSLEELSKLVPPECHCVREGKLEHTLARDLVPGDT
VCLSVGDRVPADLRLFEAVDLSIDESSLTGETTPCSKVTAPQPAATNGDLASRSNIAFMGTLVRCGKAKGVVIGTGENSE
FGEVFKMMQAEEAPKTPLQKSMDLLGKQLSFYSFGIIGIIMLVGWLLGKDILEMFTISVSLAVAAIPEGLPIVVTVTLAL
GVMRMVKKRAIVKKLPIVETLGCCNVICSDKTGTLTKNEMTVTHIFTSDGLHAEVTGVGYNQFGEVIVDGDVVHGFYNPA
VSRIVEAGCVCNDAVIRNNTLMGKPTEGALIALAMKMGLDGLQQDYIRKAEYPFSSEQKWMAVKCVHRTQQDRPEICFMK
GAYEQVIKYCTTYQSKGQTLTLTQQQRDVYQQEKARMGSAGLRVLALASGPELGQLTFLGLVGIIDPPRTGVKEAVTTLI
ASGVSIKMITGDSQETAVAIASRLGLYSKTSQSVSGEEIDAMDVQQLSQIVPKVAVFYRASPRHKMKIIKSLQKNGSVVA
MTGDGVNDAVALKAADIGVAMGQTGTDVCKEAADMILVDDDFQTIMSAIEEGKGIYNNIKNFVRFQLSTSIAALTLISLA
TLMNFPNPLNAMQILWINIIMDGPPAQSLGVEPVDKDVIRKPPRNWKDSILTKNLILKILVSSIIIVCGTLFVFWRELRD
NVITPRDTTMTFTCFVFFDMFNALSSRSQTKSVFEIGLCSNRMFCYAVLGSIMGQLLVIYFPPLQKVFQTESLSILDLLF
LLGLTSSVCIVAEIIKKVERSREKIQKHVSSTSSSFLEV
;
_entity_poly.pdbx_strand_id   A
#
loop_
_chem_comp.id
_chem_comp.type
_chem_comp.name
_chem_comp.formula
ACP non-polymer 'PHOSPHOMETHYLPHOSPHONIC ACID ADENYLATE ESTER' 'C11 H18 N5 O12 P3'
CA non-polymer 'CALCIUM ION' 'Ca 2'
MG non-polymer 'MAGNESIUM ION' 'Mg 2'
#
# COMPACT_ATOMS: atom_id res chain seq x y z
N MET A 17 -27.57 3.67 36.55
CA MET A 17 -26.27 3.38 35.95
C MET A 17 -26.31 2.05 35.22
N ILE A 18 -26.05 2.08 33.91
CA ILE A 18 -26.12 0.88 33.08
C ILE A 18 -25.02 -0.09 33.47
N PRO A 19 -25.33 -1.37 33.65
CA PRO A 19 -24.27 -2.34 33.95
C PRO A 19 -23.76 -3.01 32.68
N VAL A 20 -22.50 -3.42 32.73
CA VAL A 20 -21.90 -4.15 31.61
C VAL A 20 -22.20 -5.62 31.75
N LEU A 21 -22.67 -6.24 30.66
CA LEU A 21 -23.12 -7.63 30.68
C LEU A 21 -22.03 -8.53 30.13
N THR A 22 -21.66 -9.54 30.92
CA THR A 22 -20.64 -10.49 30.50
C THR A 22 -21.19 -11.41 29.42
N SER A 23 -20.27 -12.04 28.68
CA SER A 23 -20.67 -12.89 27.56
C SER A 23 -21.48 -14.10 28.03
N LYS A 24 -21.04 -14.77 29.10
CA LYS A 24 -21.76 -15.95 29.57
C LYS A 24 -23.14 -15.58 30.09
N LYS A 25 -23.25 -14.49 30.84
CA LYS A 25 -24.55 -14.08 31.37
C LYS A 25 -25.46 -13.60 30.25
N ALA A 26 -24.89 -12.91 29.25
CA ALA A 26 -25.68 -12.51 28.09
C ALA A 26 -26.21 -13.72 27.33
N SER A 27 -25.38 -14.75 27.18
CA SER A 27 -25.85 -16.00 26.56
C SER A 27 -26.95 -16.64 27.39
N GLU A 28 -26.81 -16.65 28.72
CA GLU A 28 -27.83 -17.23 29.57
C GLU A 28 -29.12 -16.42 29.58
N LEU A 29 -29.02 -15.08 29.57
CA LEU A 29 -30.18 -14.24 29.74
C LEU A 29 -30.99 -14.13 28.45
N PRO A 30 -32.32 -13.99 28.56
CA PRO A 30 -33.13 -13.78 27.35
C PRO A 30 -32.86 -12.43 26.72
N VAL A 31 -33.19 -12.32 25.43
CA VAL A 31 -32.90 -11.11 24.66
C VAL A 31 -33.64 -9.91 25.24
N SER A 32 -34.93 -10.08 25.56
CA SER A 32 -35.71 -8.96 26.08
C SER A 32 -35.16 -8.46 27.40
N GLU A 33 -34.78 -9.37 28.30
CA GLU A 33 -34.20 -8.97 29.58
C GLU A 33 -32.85 -8.27 29.37
N VAL A 34 -32.05 -8.76 28.43
CA VAL A 34 -30.78 -8.11 28.13
C VAL A 34 -31.00 -6.68 27.65
N ALA A 35 -31.96 -6.49 26.74
CA ALA A 35 -32.28 -5.16 26.26
C ALA A 35 -32.80 -4.27 27.39
N SER A 36 -33.54 -4.87 28.33
CA SER A 36 -34.01 -4.13 29.49
C SER A 36 -32.85 -3.66 30.37
N ILE A 37 -31.85 -4.53 30.57
CA ILE A 37 -30.73 -4.19 31.44
C ILE A 37 -29.90 -3.06 30.83
N LEU A 38 -29.56 -3.19 29.54
CA LEU A 38 -28.77 -2.17 28.86
C LEU A 38 -29.60 -0.98 28.39
N GLN A 39 -30.93 -1.04 28.54
CA GLN A 39 -31.81 0.05 28.14
C GLN A 39 -31.62 0.40 26.67
N ALA A 40 -31.56 -0.64 25.84
CA ALA A 40 -31.28 -0.51 24.42
C ALA A 40 -32.54 -0.75 23.61
N ASP A 41 -32.78 0.11 22.63
CA ASP A 41 -33.92 -0.04 21.72
C ASP A 41 -33.45 -0.88 20.53
N LEU A 42 -34.03 -2.07 20.38
CA LEU A 42 -33.59 -2.98 19.32
C LEU A 42 -34.01 -2.51 17.93
N GLN A 43 -35.03 -1.67 17.83
CA GLN A 43 -35.54 -1.21 16.55
C GLN A 43 -35.05 0.18 16.17
N ASN A 44 -35.28 1.18 17.03
CA ASN A 44 -34.94 2.56 16.71
C ASN A 44 -33.50 2.91 17.02
N GLY A 45 -32.73 1.99 17.57
CA GLY A 45 -31.36 2.29 17.91
C GLY A 45 -31.25 3.14 19.18
N LEU A 46 -30.12 3.82 19.29
CA LEU A 46 -29.83 4.61 20.48
C LEU A 46 -29.46 6.04 20.09
N ASN A 47 -30.01 7.00 20.82
CA ASN A 47 -29.90 8.41 20.49
C ASN A 47 -28.48 8.93 20.74
N LYS A 48 -28.14 10.03 20.06
CA LYS A 48 -26.77 10.54 20.06
C LYS A 48 -26.37 11.11 21.42
N CYS A 49 -27.28 11.78 22.13
CA CYS A 49 -26.92 12.35 23.43
C CYS A 49 -26.56 11.26 24.43
N GLU A 50 -27.37 10.19 24.47
CA GLU A 50 -27.03 9.08 25.35
C GLU A 50 -25.78 8.36 24.88
N VAL A 51 -25.53 8.35 23.57
CA VAL A 51 -24.27 7.83 23.05
C VAL A 51 -23.09 8.61 23.62
N SER A 52 -23.20 9.94 23.62
CA SER A 52 -22.14 10.77 24.17
C SER A 52 -21.97 10.53 25.66
N HIS A 53 -23.07 10.40 26.40
CA HIS A 53 -22.98 10.14 27.83
C HIS A 53 -22.31 8.80 28.12
N ARG A 54 -22.69 7.75 27.38
CA ARG A 54 -22.11 6.43 27.59
C ARG A 54 -20.64 6.42 27.20
N ARG A 55 -20.28 7.14 26.12
CA ARG A 55 -18.88 7.24 25.73
C ARG A 55 -18.07 7.99 26.78
N ALA A 56 -18.63 9.05 27.36
CA ALA A 56 -17.94 9.78 28.41
C ALA A 56 -17.72 8.92 29.65
N PHE A 57 -18.72 8.15 30.06
CA PHE A 57 -18.59 7.31 31.26
C PHE A 57 -17.68 6.10 31.03
N HIS A 58 -17.84 5.39 29.92
CA HIS A 58 -17.13 4.13 29.70
C HIS A 58 -15.85 4.29 28.88
N GLY A 59 -15.47 5.50 28.54
CA GLY A 59 -14.38 5.69 27.59
C GLY A 59 -14.85 5.41 26.18
N TRP A 60 -13.89 5.37 25.26
CA TRP A 60 -14.22 5.15 23.87
C TRP A 60 -14.22 3.65 23.59
N ASN A 61 -14.65 3.25 22.40
CA ASN A 61 -14.62 1.83 22.06
C ASN A 61 -13.24 1.45 21.54
N GLU A 62 -12.23 1.62 22.39
CA GLU A 62 -10.86 1.34 22.02
C GLU A 62 -10.21 0.44 23.06
N PHE A 63 -9.04 -0.09 22.72
CA PHE A 63 -8.22 -0.81 23.68
C PHE A 63 -7.43 0.17 24.52
N ASP A 64 -7.40 -0.06 25.82
CA ASP A 64 -6.69 0.83 26.73
C ASP A 64 -5.20 0.87 26.40
N ILE A 65 -4.76 2.01 25.87
CA ILE A 65 -3.39 2.17 25.41
C ILE A 65 -2.59 2.92 26.48
N SER A 66 -1.59 2.25 27.04
CA SER A 66 -0.72 2.87 28.02
C SER A 66 0.68 2.30 27.91
N GLU A 67 1.69 3.16 27.89
CA GLU A 67 3.08 2.75 27.77
C GLU A 67 3.94 3.81 28.42
N ASP A 68 5.20 3.45 28.68
CA ASP A 68 6.13 4.35 29.36
C ASP A 68 6.88 5.16 28.30
N GLU A 69 6.79 6.49 28.42
CA GLU A 69 7.62 7.38 27.64
C GLU A 69 8.31 8.36 28.59
N PRO A 70 9.16 7.90 29.51
CA PRO A 70 9.90 8.83 30.37
C PRO A 70 11.14 9.35 29.68
N LEU A 71 11.00 10.45 28.92
CA LEU A 71 12.04 10.96 28.04
C LEU A 71 13.45 10.91 28.64
N TRP A 72 13.55 11.06 29.96
CA TRP A 72 14.85 10.90 30.60
C TRP A 72 15.38 9.47 30.49
N LYS A 73 14.48 8.49 30.40
CA LYS A 73 14.93 7.11 30.23
C LYS A 73 15.60 6.91 28.86
N LYS A 74 14.99 7.44 27.80
CA LYS A 74 15.62 7.33 26.49
C LYS A 74 16.82 8.26 26.36
N TYR A 75 16.86 9.35 27.13
CA TYR A 75 18.05 10.18 27.19
C TYR A 75 19.22 9.42 27.78
N ILE A 76 18.97 8.68 28.87
CA ILE A 76 20.02 7.85 29.46
C ILE A 76 20.37 6.68 28.54
N SER A 77 19.38 6.11 27.87
CA SER A 77 19.62 4.99 26.97
C SER A 77 20.50 5.38 25.80
N GLN A 78 20.47 6.66 25.40
CA GLN A 78 21.38 7.14 24.36
C GLN A 78 22.83 7.07 24.82
N PHE A 79 23.07 7.06 26.13
CA PHE A 79 24.41 6.90 26.67
C PHE A 79 24.74 5.41 26.76
N LYS A 80 25.80 5.08 27.50
CA LYS A 80 26.30 3.72 27.74
C LYS A 80 26.89 3.08 26.50
N ASN A 81 26.92 3.77 25.37
CA ASN A 81 27.58 3.23 24.19
C ASN A 81 29.08 3.14 24.44
N PRO A 82 29.75 2.10 23.91
CA PRO A 82 31.20 1.99 24.16
C PRO A 82 31.99 3.20 23.68
N LEU A 83 31.60 3.80 22.55
CA LEU A 83 32.30 4.98 22.05
C LEU A 83 32.12 6.16 22.99
N ILE A 84 30.87 6.42 23.39
CA ILE A 84 30.62 7.54 24.30
C ILE A 84 31.23 7.27 25.67
N MET A 85 31.20 6.02 26.12
CA MET A 85 31.82 5.68 27.40
C MET A 85 33.32 5.91 27.35
N LEU A 86 33.97 5.53 26.25
CA LEU A 86 35.40 5.77 26.11
C LEU A 86 35.71 7.26 26.03
N LEU A 87 34.86 8.02 25.34
CA LEU A 87 35.05 9.47 25.29
C LEU A 87 34.93 10.09 26.68
N LEU A 88 33.95 9.64 27.47
CA LEU A 88 33.81 10.14 28.83
C LEU A 88 35.00 9.74 29.70
N ALA A 89 35.52 8.52 29.51
CA ALA A 89 36.71 8.10 30.24
C ALA A 89 37.92 8.97 29.89
N SER A 90 38.08 9.29 28.61
CA SER A 90 39.16 10.18 28.19
C SER A 90 38.98 11.57 28.79
N ALA A 91 37.74 12.06 28.83
CA ALA A 91 37.46 13.34 29.46
C ALA A 91 37.85 13.33 30.93
N VAL A 92 37.51 12.23 31.63
CA VAL A 92 37.83 12.13 33.05
C VAL A 92 39.34 12.09 33.25
N ILE A 93 40.05 11.31 32.44
CA ILE A 93 41.50 11.19 32.63
C ILE A 93 42.19 12.51 32.26
N SER A 94 41.63 13.28 31.33
CA SER A 94 42.18 14.59 31.04
C SER A 94 41.88 15.58 32.16
N VAL A 95 40.72 15.47 32.80
CA VAL A 95 40.42 16.27 33.98
C VAL A 95 41.43 15.97 35.09
N LEU A 96 41.76 14.69 35.26
CA LEU A 96 42.77 14.30 36.24
C LEU A 96 44.13 14.92 35.93
N MET A 97 44.40 15.27 34.68
CA MET A 97 45.64 15.93 34.30
C MET A 97 45.52 17.43 34.55
N HIS A 98 46.48 18.19 34.05
CA HIS A 98 46.53 19.64 34.25
C HIS A 98 45.82 20.41 33.14
N GLN A 99 45.21 19.73 32.18
CA GLN A 99 44.54 20.38 31.06
C GLN A 99 43.02 20.34 31.28
N PHE A 100 42.37 21.49 31.09
CA PHE A 100 40.93 21.61 31.24
C PHE A 100 40.22 22.07 29.98
N ASP A 101 40.89 22.82 29.10
CA ASP A 101 40.25 23.28 27.86
C ASP A 101 39.87 22.09 26.99
N ASP A 102 40.76 21.12 26.84
CA ASP A 102 40.43 19.92 26.08
C ASP A 102 39.28 19.16 26.72
N ALA A 103 39.26 19.10 28.05
CA ALA A 103 38.19 18.40 28.74
C ALA A 103 36.84 19.05 28.49
N VAL A 104 36.76 20.39 28.61
CA VAL A 104 35.49 21.06 28.41
C VAL A 104 35.07 20.97 26.95
N SER A 105 36.03 21.09 26.02
CA SER A 105 35.70 20.93 24.61
C SER A 105 35.14 19.55 24.31
N ILE A 106 35.76 18.50 24.86
CA ILE A 106 35.31 17.15 24.55
C ILE A 106 33.95 16.88 25.20
N THR A 107 33.71 17.41 26.41
CA THR A 107 32.42 17.13 27.02
C THR A 107 31.30 17.90 26.33
N VAL A 108 31.54 19.13 25.89
CA VAL A 108 30.50 19.82 25.15
C VAL A 108 30.29 19.15 23.79
N ALA A 109 31.35 18.64 23.16
CA ALA A 109 31.20 17.92 21.90
C ALA A 109 30.36 16.65 22.07
N ILE A 110 30.65 15.87 23.11
CA ILE A 110 29.86 14.65 23.32
C ILE A 110 28.44 14.99 23.73
N LEU A 111 28.23 16.11 24.44
CA LEU A 111 26.87 16.53 24.75
C LEU A 111 26.10 16.88 23.48
N ILE A 112 26.75 17.59 22.55
CA ILE A 112 26.11 17.89 21.27
C ILE A 112 25.81 16.60 20.52
N VAL A 113 26.73 15.64 20.57
CA VAL A 113 26.53 14.37 19.87
C VAL A 113 25.33 13.61 20.44
N VAL A 114 25.24 13.54 21.76
CA VAL A 114 24.15 12.77 22.36
C VAL A 114 22.82 13.49 22.16
N THR A 115 22.82 14.83 22.16
CA THR A 115 21.58 15.54 21.87
C THR A 115 21.14 15.30 20.42
N VAL A 116 22.08 15.29 19.48
CA VAL A 116 21.74 15.00 18.09
C VAL A 116 21.18 13.58 17.97
N ALA A 117 21.80 12.62 18.66
CA ALA A 117 21.29 11.25 18.65
C ALA A 117 19.89 11.19 19.27
N PHE A 118 19.66 11.96 20.32
CA PHE A 118 18.35 11.97 20.96
C PHE A 118 17.28 12.51 20.01
N VAL A 119 17.58 13.61 19.31
CA VAL A 119 16.59 14.14 18.37
C VAL A 119 16.38 13.18 17.20
N GLN A 120 17.43 12.48 16.77
CA GLN A 120 17.28 11.50 15.71
C GLN A 120 16.37 10.36 16.15
N GLU A 121 16.59 9.84 17.35
CA GLU A 121 15.75 8.76 17.87
C GLU A 121 14.33 9.23 18.08
N TYR A 122 14.15 10.47 18.56
CA TYR A 122 12.81 11.02 18.75
C TYR A 122 12.08 11.13 17.43
N ARG A 123 12.75 11.59 16.38
CA ARG A 123 12.12 11.68 15.06
C ARG A 123 11.79 10.29 14.53
N SER A 124 12.68 9.32 14.73
CA SER A 124 12.41 7.95 14.28
C SER A 124 11.19 7.38 14.97
N GLU A 125 11.11 7.54 16.30
CA GLU A 125 9.96 7.05 17.04
C GLU A 125 8.68 7.78 16.64
N LYS A 126 8.79 9.09 16.40
CA LYS A 126 7.63 9.86 15.94
C LYS A 126 7.10 9.31 14.63
N SER A 127 8.00 9.09 13.66
CA SER A 127 7.58 8.51 12.39
C SER A 127 7.00 7.11 12.60
N LEU A 128 7.57 6.34 13.53
CA LEU A 128 7.05 5.01 13.81
C LEU A 128 5.60 5.06 14.29
N GLU A 129 5.29 6.01 15.18
CA GLU A 129 3.93 6.06 15.72
C GLU A 129 2.96 6.85 14.84
N GLU A 130 3.45 7.65 13.89
CA GLU A 130 2.55 8.10 12.83
C GLU A 130 2.26 6.98 11.83
N LEU A 131 3.19 6.04 11.68
CA LEU A 131 2.89 4.83 10.93
C LEU A 131 1.91 3.97 11.71
N SER A 132 1.26 3.06 10.98
CA SER A 132 0.22 2.19 11.53
C SER A 132 -0.94 2.99 12.08
N LYS A 133 -1.88 2.29 12.75
CA LYS A 133 -3.14 2.84 13.27
C LYS A 133 -3.75 3.86 12.33
N LEU A 134 -3.72 3.57 11.02
CA LEU A 134 -4.26 4.45 10.01
C LEU A 134 -5.50 3.90 9.32
N VAL A 135 -5.80 2.62 9.49
CA VAL A 135 -7.02 2.01 8.96
C VAL A 135 -7.95 1.74 10.13
N PRO A 136 -8.84 2.68 10.44
CA PRO A 136 -9.72 2.51 11.60
C PRO A 136 -10.73 1.41 11.36
N PRO A 137 -11.25 0.78 12.41
CA PRO A 137 -12.26 -0.26 12.22
C PRO A 137 -13.66 0.32 12.06
N GLU A 138 -14.33 -0.11 11.00
CA GLU A 138 -15.59 0.50 10.56
C GLU A 138 -16.67 -0.58 10.48
N CYS A 139 -17.86 -0.23 10.99
CA CYS A 139 -18.98 -1.16 11.00
C CYS A 139 -20.32 -0.42 11.04
N HIS A 140 -21.40 -1.13 10.73
CA HIS A 140 -22.72 -0.52 10.72
C HIS A 140 -23.27 -0.40 12.14
N CYS A 141 -24.18 0.56 12.33
CA CYS A 141 -24.83 0.78 13.61
C CYS A 141 -26.15 1.49 13.36
N VAL A 142 -27.13 1.21 14.20
CA VAL A 142 -28.46 1.80 14.09
C VAL A 142 -28.62 2.84 15.19
N ARG A 143 -28.89 4.08 14.80
CA ARG A 143 -29.10 5.17 15.74
C ARG A 143 -30.27 6.01 15.28
N GLU A 144 -31.20 6.27 16.20
CA GLU A 144 -32.41 7.08 15.93
C GLU A 144 -33.19 6.51 14.74
N GLY A 145 -33.26 5.18 14.66
CA GLY A 145 -34.00 4.52 13.61
C GLY A 145 -33.37 4.53 12.24
N LYS A 146 -32.10 4.94 12.14
CA LYS A 146 -31.40 5.01 10.87
C LYS A 146 -30.10 4.21 10.94
N LEU A 147 -29.81 3.48 9.86
CA LEU A 147 -28.55 2.76 9.74
C LEU A 147 -27.46 3.76 9.37
N GLU A 148 -26.62 4.10 10.34
CA GLU A 148 -25.60 5.13 10.15
C GLU A 148 -24.23 4.47 10.11
N HIS A 149 -23.29 5.12 9.43
CA HIS A 149 -21.99 4.54 9.15
C HIS A 149 -20.93 5.18 10.04
N THR A 150 -20.61 4.51 11.14
CA THR A 150 -19.59 4.99 12.08
C THR A 150 -18.41 4.04 12.09
N LEU A 151 -17.31 4.51 12.67
CA LEU A 151 -16.19 3.64 12.99
C LEU A 151 -16.54 2.77 14.20
N ALA A 152 -15.82 1.66 14.34
CA ALA A 152 -15.98 0.84 15.55
C ALA A 152 -15.43 1.57 16.77
N ARG A 153 -14.61 2.60 16.55
CA ARG A 153 -14.04 3.37 17.66
C ARG A 153 -15.11 4.18 18.39
N ASP A 154 -16.26 4.39 17.75
CA ASP A 154 -17.33 5.21 18.30
C ASP A 154 -18.37 4.40 19.06
N LEU A 155 -18.19 3.09 19.21
CA LEU A 155 -19.21 2.24 19.80
C LEU A 155 -19.34 2.45 21.29
N VAL A 156 -20.55 2.27 21.80
CA VAL A 156 -20.85 2.32 23.23
C VAL A 156 -21.70 1.11 23.58
N PRO A 157 -21.68 0.66 24.82
CA PRO A 157 -22.48 -0.53 25.15
C PRO A 157 -23.96 -0.20 25.21
N GLY A 158 -24.69 -0.69 24.20
CA GLY A 158 -26.11 -0.45 24.09
C GLY A 158 -26.60 -0.17 22.68
N ASP A 159 -25.71 0.09 21.73
CA ASP A 159 -26.14 0.37 20.37
C ASP A 159 -26.44 -0.92 19.62
N THR A 160 -27.25 -0.83 18.58
CA THR A 160 -27.61 -1.96 17.75
C THR A 160 -26.69 -2.01 16.54
N VAL A 161 -25.99 -3.12 16.37
CA VAL A 161 -24.98 -3.27 15.32
C VAL A 161 -25.46 -4.29 14.31
N CYS A 162 -25.46 -3.90 13.03
CA CYS A 162 -25.82 -4.78 11.94
C CYS A 162 -24.57 -5.43 11.37
N LEU A 163 -24.61 -6.75 11.23
CA LEU A 163 -23.49 -7.53 10.73
C LEU A 163 -23.80 -8.03 9.32
N SER A 164 -22.85 -7.85 8.40
CA SER A 164 -22.99 -8.28 7.03
C SER A 164 -21.89 -9.26 6.68
N VAL A 165 -22.03 -9.88 5.51
CA VAL A 165 -21.04 -10.85 5.05
C VAL A 165 -19.74 -10.13 4.74
N GLY A 166 -18.64 -10.63 5.28
CA GLY A 166 -17.33 -10.04 5.09
C GLY A 166 -16.98 -8.96 6.08
N ASP A 167 -17.91 -8.56 6.94
CA ASP A 167 -17.62 -7.53 7.92
C ASP A 167 -17.01 -8.13 9.18
N ARG A 168 -16.05 -7.41 9.77
CA ARG A 168 -15.45 -7.83 11.02
C ARG A 168 -16.29 -7.35 12.18
N VAL A 169 -16.54 -8.24 13.14
CA VAL A 169 -17.37 -7.91 14.30
C VAL A 169 -16.63 -6.88 15.16
N PRO A 170 -17.22 -5.74 15.43
CA PRO A 170 -16.48 -4.68 16.13
C PRO A 170 -16.45 -4.84 17.64
N ALA A 171 -17.47 -5.47 18.21
CA ALA A 171 -17.56 -5.64 19.66
C ALA A 171 -18.43 -6.84 19.95
N ASP A 172 -18.49 -7.21 21.24
CA ASP A 172 -19.32 -8.34 21.66
C ASP A 172 -20.79 -8.00 21.46
N LEU A 173 -21.51 -8.86 20.75
CA LEU A 173 -22.90 -8.62 20.39
C LEU A 173 -23.78 -9.72 20.94
N ARG A 174 -24.93 -9.33 21.49
CA ARG A 174 -25.97 -10.28 21.86
C ARG A 174 -26.93 -10.43 20.68
N LEU A 175 -26.78 -11.52 19.93
CA LEU A 175 -27.54 -11.68 18.70
C LEU A 175 -29.01 -12.00 19.01
N PHE A 176 -29.91 -11.24 18.38
CA PHE A 176 -31.34 -11.51 18.45
C PHE A 176 -31.96 -11.79 17.10
N GLU A 177 -31.28 -11.46 16.00
CA GLU A 177 -31.72 -11.79 14.65
C GLU A 177 -30.53 -12.39 13.92
N ALA A 178 -30.76 -13.53 13.27
CA ALA A 178 -29.69 -14.23 12.55
C ALA A 178 -30.33 -15.25 11.61
N VAL A 179 -29.95 -15.18 10.33
CA VAL A 179 -30.42 -16.13 9.32
C VAL A 179 -29.19 -16.78 8.70
N ASP A 180 -28.97 -18.07 9.03
CA ASP A 180 -27.87 -18.86 8.47
C ASP A 180 -26.51 -18.22 8.70
N LEU A 181 -26.28 -17.71 9.91
CA LEU A 181 -25.02 -17.07 10.21
C LEU A 181 -23.91 -18.09 10.43
N SER A 182 -22.76 -17.86 9.79
CA SER A 182 -21.52 -18.55 10.07
C SER A 182 -20.45 -17.51 10.31
N ILE A 183 -19.82 -17.56 11.49
CA ILE A 183 -18.77 -16.62 11.87
C ILE A 183 -17.47 -17.39 12.03
N ASP A 184 -16.43 -16.92 11.37
CA ASP A 184 -15.10 -17.53 11.46
C ASP A 184 -14.48 -17.15 12.78
N GLU A 185 -14.48 -18.08 13.73
CA GLU A 185 -13.91 -17.86 15.06
C GLU A 185 -12.55 -18.54 15.23
N SER A 186 -11.83 -18.78 14.13
CA SER A 186 -10.53 -19.45 14.23
C SER A 186 -9.52 -18.57 14.95
N SER A 187 -9.67 -17.24 14.86
CA SER A 187 -8.73 -16.34 15.50
C SER A 187 -8.78 -16.46 17.01
N LEU A 188 -9.98 -16.61 17.58
CA LEU A 188 -10.16 -16.64 19.02
C LEU A 188 -10.32 -18.04 19.59
N THR A 189 -10.67 -19.03 18.76
CA THR A 189 -10.88 -20.40 19.23
C THR A 189 -9.95 -21.42 18.59
N GLY A 190 -9.35 -21.13 17.44
CA GLY A 190 -8.48 -22.08 16.77
C GLY A 190 -9.20 -23.12 15.93
N GLU A 191 -10.53 -23.07 15.85
CA GLU A 191 -11.27 -24.04 15.06
C GLU A 191 -11.38 -23.54 13.62
N THR A 192 -10.95 -24.37 12.66
CA THR A 192 -11.00 -23.99 11.26
C THR A 192 -12.41 -23.93 10.71
N THR A 193 -13.38 -24.52 11.40
CA THR A 193 -14.77 -24.51 10.94
C THR A 193 -15.51 -23.32 11.54
N PRO A 194 -16.08 -22.44 10.71
CA PRO A 194 -16.89 -21.35 11.24
C PRO A 194 -18.04 -21.88 12.09
N CYS A 195 -18.34 -21.17 13.18
CA CYS A 195 -19.36 -21.61 14.12
C CYS A 195 -20.71 -21.00 13.76
N SER A 196 -21.72 -21.86 13.64
CA SER A 196 -23.07 -21.40 13.39
C SER A 196 -23.60 -20.67 14.62
N LYS A 197 -24.40 -19.63 14.40
CA LYS A 197 -24.89 -18.79 15.48
C LYS A 197 -26.42 -18.86 15.56
N VAL A 198 -26.92 -18.85 16.80
CA VAL A 198 -28.35 -18.87 17.09
C VAL A 198 -28.69 -17.65 17.93
N THR A 199 -29.97 -17.57 18.32
CA THR A 199 -30.45 -16.44 19.12
C THR A 199 -31.08 -16.86 20.44
N ALA A 200 -31.40 -18.15 20.60
CA ALA A 200 -32.04 -18.62 21.82
C ALA A 200 -31.05 -18.59 22.98
N PRO A 201 -31.54 -18.42 24.22
CA PRO A 201 -30.64 -18.45 25.39
C PRO A 201 -29.94 -19.79 25.55
N GLN A 202 -28.72 -19.75 26.08
CA GLN A 202 -27.97 -20.99 26.18
C GLN A 202 -28.06 -21.55 27.59
N PRO A 203 -28.10 -22.88 27.73
CA PRO A 203 -28.15 -23.49 29.07
C PRO A 203 -26.87 -23.25 29.84
N ALA A 204 -26.98 -23.27 31.18
CA ALA A 204 -25.81 -23.08 32.02
C ALA A 204 -24.82 -24.23 31.91
N ALA A 205 -25.31 -25.46 31.70
CA ALA A 205 -24.42 -26.61 31.61
C ALA A 205 -23.50 -26.52 30.40
N THR A 206 -23.99 -26.01 29.28
CA THR A 206 -23.20 -25.91 28.06
C THR A 206 -22.48 -24.58 27.93
N ASN A 207 -22.54 -23.72 28.95
CA ASN A 207 -21.91 -22.41 28.92
C ASN A 207 -20.46 -22.44 29.43
N GLY A 208 -19.80 -23.59 29.36
CA GLY A 208 -18.44 -23.67 29.86
C GLY A 208 -17.41 -23.15 28.86
N ASP A 209 -17.34 -23.77 27.69
CA ASP A 209 -16.35 -23.43 26.69
C ASP A 209 -16.80 -22.21 25.87
N LEU A 210 -15.83 -21.57 25.21
CA LEU A 210 -16.14 -20.39 24.42
C LEU A 210 -16.89 -20.75 23.14
N ALA A 211 -16.49 -21.85 22.49
CA ALA A 211 -17.10 -22.23 21.22
C ALA A 211 -18.57 -22.63 21.37
N SER A 212 -19.00 -23.02 22.57
CA SER A 212 -20.38 -23.41 22.79
C SER A 212 -21.33 -22.22 22.87
N ARG A 213 -20.81 -21.01 23.06
CA ARG A 213 -21.64 -19.79 23.10
C ARG A 213 -22.00 -19.40 21.67
N SER A 214 -23.16 -19.92 21.23
CA SER A 214 -23.59 -19.73 19.85
C SER A 214 -24.54 -18.57 19.66
N ASN A 215 -24.72 -17.72 20.68
CA ASN A 215 -25.56 -16.54 20.56
C ASN A 215 -24.82 -15.24 20.87
N ILE A 216 -23.49 -15.27 20.91
CA ILE A 216 -22.68 -14.08 21.11
C ILE A 216 -21.69 -13.97 19.96
N ALA A 217 -21.59 -12.78 19.38
CA ALA A 217 -20.60 -12.49 18.34
C ALA A 217 -19.43 -11.75 18.96
N PHE A 218 -18.22 -12.28 18.77
CA PHE A 218 -17.04 -11.76 19.44
C PHE A 218 -16.29 -10.79 18.54
N MET A 219 -15.71 -9.76 19.16
CA MET A 219 -14.94 -8.76 18.42
C MET A 219 -13.69 -9.40 17.80
N GLY A 220 -13.38 -8.98 16.58
CA GLY A 220 -12.23 -9.49 15.86
C GLY A 220 -12.50 -10.69 14.99
N THR A 221 -13.70 -11.28 15.06
CA THR A 221 -14.05 -12.40 14.22
C THR A 221 -14.65 -11.91 12.91
N LEU A 222 -14.53 -12.74 11.88
CA LEU A 222 -14.98 -12.40 10.54
C LEU A 222 -16.26 -13.15 10.21
N VAL A 223 -17.26 -12.42 9.72
CA VAL A 223 -18.53 -13.01 9.32
C VAL A 223 -18.36 -13.60 7.93
N ARG A 224 -18.61 -14.91 7.81
CA ARG A 224 -18.43 -15.60 6.54
C ARG A 224 -19.73 -15.72 5.76
N CYS A 225 -20.86 -15.95 6.44
CA CYS A 225 -22.14 -16.07 5.77
C CYS A 225 -23.26 -15.64 6.71
N GLY A 226 -24.41 -15.34 6.12
CA GLY A 226 -25.59 -15.01 6.89
C GLY A 226 -25.72 -13.52 7.19
N LYS A 227 -26.89 -13.16 7.71
CA LYS A 227 -27.20 -11.80 8.12
C LYS A 227 -27.38 -11.77 9.63
N ALA A 228 -27.01 -10.65 10.25
CA ALA A 228 -27.07 -10.57 11.71
C ALA A 228 -27.33 -9.16 12.17
N LYS A 229 -27.82 -9.04 13.40
CA LYS A 229 -28.05 -7.77 14.06
C LYS A 229 -28.11 -8.00 15.57
N GLY A 230 -27.21 -7.35 16.30
CA GLY A 230 -27.11 -7.57 17.73
C GLY A 230 -26.81 -6.28 18.47
N VAL A 231 -26.80 -6.38 19.80
CA VAL A 231 -26.55 -5.24 20.68
C VAL A 231 -25.22 -5.43 21.38
N VAL A 232 -24.43 -4.36 21.45
CA VAL A 232 -23.11 -4.43 22.08
C VAL A 232 -23.28 -4.69 23.57
N ILE A 233 -22.56 -5.69 24.09
CA ILE A 233 -22.63 -6.05 25.50
C ILE A 233 -21.32 -5.68 26.20
N GLY A 234 -20.26 -5.48 25.42
CA GLY A 234 -18.97 -5.12 25.97
C GLY A 234 -18.16 -4.23 25.06
N THR A 235 -17.44 -3.27 25.63
CA THR A 235 -16.63 -2.35 24.86
C THR A 235 -15.25 -2.19 25.51
N GLY A 236 -14.22 -2.22 24.67
CA GLY A 236 -12.86 -2.08 25.16
C GLY A 236 -12.36 -3.25 25.98
N GLU A 237 -11.86 -2.96 27.19
CA GLU A 237 -11.16 -3.96 27.98
C GLU A 237 -12.12 -4.96 28.63
N ASN A 238 -13.36 -4.55 28.87
CA ASN A 238 -14.30 -5.43 29.57
C ASN A 238 -14.67 -6.63 28.70
N SER A 239 -14.47 -6.49 27.39
CA SER A 239 -14.79 -7.57 26.46
C SER A 239 -13.92 -8.79 26.73
N GLU A 240 -14.51 -9.97 26.53
CA GLU A 240 -13.84 -11.23 26.80
C GLU A 240 -12.66 -11.43 25.85
N PHE A 241 -11.57 -11.95 26.40
CA PHE A 241 -10.33 -12.23 25.66
C PHE A 241 -9.68 -10.96 25.13
N GLY A 242 -10.17 -9.81 25.57
CA GLY A 242 -9.48 -8.57 25.28
C GLY A 242 -8.10 -8.56 25.92
N GLU A 243 -7.98 -9.24 27.05
CA GLU A 243 -6.69 -9.38 27.71
C GLU A 243 -5.69 -10.10 26.81
N VAL A 244 -6.08 -11.25 26.28
CA VAL A 244 -5.18 -11.97 25.38
C VAL A 244 -4.97 -11.18 24.09
N PHE A 245 -5.96 -10.39 23.67
CA PHE A 245 -5.79 -9.55 22.49
C PHE A 245 -4.67 -8.52 22.69
N LYS A 246 -4.73 -7.76 23.80
CA LYS A 246 -3.65 -6.82 24.05
C LYS A 246 -2.36 -7.55 24.46
N MET A 247 -2.47 -8.84 24.76
CA MET A 247 -1.27 -9.63 24.99
C MET A 247 -0.54 -9.86 23.67
N MET A 248 -1.27 -10.26 22.62
CA MET A 248 -0.61 -10.60 21.37
C MET A 248 -0.37 -9.38 20.47
N GLN A 249 -1.43 -8.66 20.10
CA GLN A 249 -1.29 -7.68 19.02
C GLN A 249 -0.71 -6.35 19.46
N ALA A 250 -0.58 -6.10 20.77
CA ALA A 250 -0.09 -4.80 21.22
C ALA A 250 1.39 -4.61 20.85
N GLU A 251 2.20 -5.65 21.02
CA GLU A 251 3.63 -5.56 20.76
C GLU A 251 4.04 -6.61 19.74
N GLU A 252 4.79 -6.19 18.72
CA GLU A 252 5.29 -7.08 17.70
C GLU A 252 6.55 -6.48 17.09
N ALA A 253 7.36 -7.33 16.46
CA ALA A 253 8.62 -6.93 15.84
C ALA A 253 8.68 -7.46 14.42
N PRO A 254 7.94 -6.84 13.50
CA PRO A 254 8.01 -7.25 12.08
C PRO A 254 9.13 -6.54 11.32
N LYS A 255 10.36 -7.02 11.55
CA LYS A 255 11.53 -6.38 10.97
C LYS A 255 11.57 -6.58 9.46
N THR A 256 11.77 -5.49 8.73
CA THR A 256 11.87 -5.56 7.28
C THR A 256 13.20 -6.21 6.88
N PRO A 257 13.17 -7.14 5.92
CA PRO A 257 14.44 -7.73 5.44
C PRO A 257 15.42 -6.71 4.90
N LEU A 258 14.93 -5.61 4.31
CA LEU A 258 15.82 -4.55 3.89
C LEU A 258 16.54 -3.93 5.08
N GLN A 259 15.84 -3.78 6.20
CA GLN A 259 16.48 -3.28 7.42
C GLN A 259 17.57 -4.24 7.89
N LYS A 260 17.31 -5.56 7.81
CA LYS A 260 18.32 -6.53 8.19
C LYS A 260 19.54 -6.45 7.29
N SER A 261 19.32 -6.30 5.98
CA SER A 261 20.44 -6.17 5.05
C SER A 261 21.24 -4.90 5.34
N MET A 262 20.54 -3.80 5.63
CA MET A 262 21.23 -2.55 5.96
C MET A 262 22.04 -2.70 7.24
N ASP A 263 21.48 -3.38 8.24
CA ASP A 263 22.20 -3.62 9.49
C ASP A 263 23.45 -4.46 9.24
N LEU A 264 23.32 -5.50 8.41
CA LEU A 264 24.48 -6.35 8.10
C LEU A 264 25.56 -5.55 7.38
N LEU A 265 25.16 -4.72 6.41
CA LEU A 265 26.14 -3.89 5.71
C LEU A 265 26.82 -2.91 6.66
N GLY A 266 26.04 -2.30 7.55
CA GLY A 266 26.63 -1.39 8.53
C GLY A 266 27.58 -2.08 9.47
N LYS A 267 27.24 -3.30 9.90
CA LYS A 267 28.12 -4.07 10.77
C LYS A 267 29.42 -4.43 10.06
N GLN A 268 29.33 -4.83 8.78
CA GLN A 268 30.55 -5.15 8.03
C GLN A 268 31.42 -3.90 7.86
N LEU A 269 30.81 -2.76 7.54
CA LEU A 269 31.57 -1.52 7.41
C LEU A 269 32.21 -1.13 8.73
N SER A 270 31.48 -1.31 9.83
CA SER A 270 32.03 -1.00 11.15
C SER A 270 33.20 -1.91 11.48
N PHE A 271 33.11 -3.20 11.15
CA PHE A 271 34.22 -4.11 11.41
C PHE A 271 35.44 -3.71 10.59
N TYR A 272 35.24 -3.37 9.31
CA TYR A 272 36.36 -2.93 8.49
C TYR A 272 36.97 -1.64 9.03
N SER A 273 36.13 -0.72 9.49
CA SER A 273 36.63 0.54 10.05
C SER A 273 37.42 0.28 11.33
N PHE A 274 36.95 -0.62 12.19
CA PHE A 274 37.68 -0.96 13.40
C PHE A 274 39.03 -1.59 13.06
N GLY A 275 39.07 -2.47 12.06
CA GLY A 275 40.34 -3.03 11.63
C GLY A 275 41.30 -1.96 11.12
N ILE A 276 40.78 -1.01 10.35
CA ILE A 276 41.62 0.07 9.82
C ILE A 276 42.14 0.94 10.97
N ILE A 277 41.28 1.25 11.94
CA ILE A 277 41.71 2.06 13.09
C ILE A 277 42.77 1.32 13.90
N GLY A 278 42.60 0.01 14.09
CA GLY A 278 43.61 -0.76 14.80
C GLY A 278 44.94 -0.77 14.08
N ILE A 279 44.91 -0.94 12.76
CA ILE A 279 46.15 -0.92 11.97
C ILE A 279 46.81 0.45 12.08
N ILE A 280 46.02 1.51 11.99
CA ILE A 280 46.57 2.87 12.08
C ILE A 280 47.18 3.09 13.46
N MET A 281 46.51 2.65 14.51
CA MET A 281 47.04 2.78 15.86
C MET A 281 48.37 2.03 16.01
N LEU A 282 48.43 0.80 15.50
CA LEU A 282 49.67 0.04 15.59
C LEU A 282 50.80 0.72 14.83
N VAL A 283 50.51 1.22 13.62
CA VAL A 283 51.54 1.90 12.83
C VAL A 283 52.02 3.15 13.54
N GLY A 284 51.09 3.95 14.07
CA GLY A 284 51.48 5.18 14.74
C GLY A 284 52.26 4.94 16.02
N TRP A 285 51.83 3.97 16.82
CA TRP A 285 52.56 3.68 18.06
C TRP A 285 53.93 3.08 17.78
N LEU A 286 54.04 2.29 16.71
CA LEU A 286 55.35 1.75 16.32
C LEU A 286 56.27 2.83 15.78
N LEU A 287 55.73 3.95 15.31
CA LEU A 287 56.52 5.02 14.72
C LEU A 287 56.93 6.09 15.73
N GLY A 288 56.56 5.94 17.01
CA GLY A 288 56.94 6.90 18.02
C GLY A 288 56.23 8.23 17.90
N LYS A 289 54.92 8.25 18.16
CA LYS A 289 54.10 9.45 18.07
C LYS A 289 53.40 9.68 19.40
N ASP A 290 52.46 10.63 19.40
CA ASP A 290 51.73 10.97 20.61
C ASP A 290 50.84 9.82 21.05
N ILE A 291 50.46 9.85 22.33
CA ILE A 291 49.67 8.79 22.95
C ILE A 291 48.24 9.24 23.23
N LEU A 292 48.07 10.25 24.08
CA LEU A 292 46.72 10.67 24.44
C LEU A 292 45.99 11.34 23.28
N GLU A 293 46.67 12.26 22.60
CA GLU A 293 46.06 12.93 21.45
C GLU A 293 45.73 11.94 20.34
N MET A 294 46.65 11.01 20.07
CA MET A 294 46.39 10.00 19.04
C MET A 294 45.25 9.08 19.44
N PHE A 295 45.17 8.72 20.73
CA PHE A 295 44.07 7.88 21.19
C PHE A 295 42.73 8.59 21.04
N THR A 296 42.67 9.87 21.41
CA THR A 296 41.43 10.62 21.24
C THR A 296 41.05 10.75 19.77
N ILE A 297 42.05 10.99 18.90
CA ILE A 297 41.78 11.08 17.48
C ILE A 297 41.25 9.75 16.95
N SER A 298 41.85 8.64 17.39
CA SER A 298 41.40 7.33 16.93
C SER A 298 39.99 7.00 17.40
N VAL A 299 39.67 7.33 18.66
CA VAL A 299 38.33 7.04 19.15
C VAL A 299 37.29 7.93 18.45
N SER A 300 37.66 9.18 18.16
CA SER A 300 36.76 10.04 17.40
C SER A 300 36.55 9.50 15.99
N LEU A 301 37.61 8.99 15.36
CA LEU A 301 37.47 8.38 14.05
C LEU A 301 36.60 7.13 14.11
N ALA A 302 36.74 6.34 15.18
CA ALA A 302 35.94 5.13 15.32
C ALA A 302 34.46 5.47 15.47
N VAL A 303 34.13 6.49 16.27
CA VAL A 303 32.73 6.88 16.41
C VAL A 303 32.23 7.56 15.14
N ALA A 304 33.14 8.15 14.36
CA ALA A 304 32.74 8.78 13.11
C ALA A 304 32.40 7.75 12.04
N ALA A 305 33.24 6.73 11.89
CA ALA A 305 33.10 5.78 10.79
C ALA A 305 31.90 4.86 10.94
N ILE A 306 31.38 4.70 12.16
CA ILE A 306 30.22 3.84 12.39
C ILE A 306 28.99 4.50 11.79
N PRO A 307 28.28 3.82 10.88
CA PRO A 307 27.00 4.36 10.41
C PRO A 307 25.90 4.13 11.43
N GLU A 308 25.53 5.20 12.15
CA GLU A 308 24.50 5.10 13.17
C GLU A 308 23.15 5.64 12.72
N GLY A 309 23.14 6.51 11.70
CA GLY A 309 21.91 7.05 11.16
C GLY A 309 21.28 6.25 10.05
N LEU A 310 21.85 5.11 9.68
CA LEU A 310 21.26 4.30 8.61
C LEU A 310 19.89 3.73 8.99
N PRO A 311 19.71 3.06 10.14
CA PRO A 311 18.36 2.60 10.48
C PRO A 311 17.37 3.75 10.67
N ILE A 312 17.83 4.85 11.26
CA ILE A 312 16.95 6.00 11.47
C ILE A 312 16.48 6.56 10.13
N VAL A 313 17.40 6.71 9.18
CA VAL A 313 17.05 7.27 7.89
C VAL A 313 16.20 6.28 7.08
N VAL A 314 16.41 4.98 7.23
CA VAL A 314 15.58 4.02 6.50
C VAL A 314 14.17 4.01 7.06
N THR A 315 14.02 4.11 8.39
CA THR A 315 12.69 4.22 8.98
C THR A 315 12.02 5.53 8.55
N VAL A 316 12.78 6.62 8.52
CA VAL A 316 12.23 7.91 8.13
C VAL A 316 11.74 7.88 6.68
N THR A 317 12.54 7.28 5.79
CA THR A 317 12.14 7.23 4.38
C THR A 317 10.98 6.27 4.17
N LEU A 318 10.91 5.17 4.94
CA LEU A 318 9.75 4.29 4.84
C LEU A 318 8.48 5.01 5.28
N ALA A 319 8.56 5.73 6.41
CA ALA A 319 7.40 6.47 6.89
C ALA A 319 7.00 7.57 5.91
N LEU A 320 7.99 8.26 5.32
CA LEU A 320 7.69 9.30 4.34
C LEU A 320 7.03 8.71 3.10
N GLY A 321 7.50 7.55 2.63
CA GLY A 321 6.86 6.91 1.51
C GLY A 321 5.42 6.50 1.81
N VAL A 322 5.19 5.96 3.01
CA VAL A 322 3.84 5.57 3.40
C VAL A 322 2.94 6.80 3.47
N MET A 323 3.42 7.89 4.06
CA MET A 323 2.62 9.11 4.17
C MET A 323 2.32 9.71 2.80
N ARG A 324 3.31 9.72 1.90
CA ARG A 324 3.06 10.21 0.55
C ARG A 324 2.07 9.31 -0.20
N MET A 325 2.12 8.00 0.05
CA MET A 325 1.13 7.09 -0.50
C MET A 325 -0.27 7.44 -0.01
N VAL A 326 -0.39 7.69 1.30
CA VAL A 326 -1.70 7.96 1.89
C VAL A 326 -2.25 9.29 1.41
N LYS A 327 -1.37 10.29 1.24
CA LYS A 327 -1.80 11.63 0.88
C LYS A 327 -2.55 11.68 -0.45
N LYS A 328 -2.36 10.68 -1.31
CA LYS A 328 -2.96 10.64 -2.64
C LYS A 328 -3.76 9.34 -2.85
N ARG A 329 -4.41 8.90 -1.77
CA ARG A 329 -5.34 7.77 -1.78
C ARG A 329 -4.64 6.47 -2.17
N ALA A 330 -3.67 6.08 -1.33
CA ALA A 330 -3.02 4.77 -1.44
C ALA A 330 -2.61 4.35 -0.03
N ILE A 331 -3.48 3.57 0.61
CA ILE A 331 -3.23 3.10 1.97
C ILE A 331 -2.46 1.78 1.90
N VAL A 332 -1.28 1.76 2.49
CA VAL A 332 -0.41 0.58 2.45
C VAL A 332 -0.01 0.23 3.88
N LYS A 333 -0.41 -0.96 4.33
CA LYS A 333 0.03 -1.52 5.60
C LYS A 333 1.11 -2.57 5.32
N LYS A 334 1.50 -3.31 6.35
CA LYS A 334 2.47 -4.39 6.23
C LYS A 334 3.81 -3.86 5.69
N LEU A 335 4.47 -3.07 6.54
CA LEU A 335 5.71 -2.35 6.22
C LEU A 335 6.69 -3.10 5.32
N PRO A 336 7.11 -4.34 5.59
CA PRO A 336 8.15 -4.94 4.72
C PRO A 336 7.65 -5.32 3.34
N ILE A 337 6.34 -5.23 3.08
CA ILE A 337 5.84 -5.45 1.73
C ILE A 337 6.27 -4.30 0.82
N VAL A 338 6.44 -3.10 1.37
CA VAL A 338 6.85 -1.94 0.58
C VAL A 338 8.22 -2.18 -0.06
N GLU A 339 9.12 -2.86 0.67
CA GLU A 339 10.45 -3.12 0.14
C GLU A 339 10.39 -3.97 -1.13
N THR A 340 9.56 -5.02 -1.12
CA THR A 340 9.39 -5.85 -2.29
C THR A 340 8.34 -5.30 -3.25
N LEU A 341 7.64 -4.22 -2.88
CA LEU A 341 6.65 -3.61 -3.76
C LEU A 341 7.30 -3.05 -5.02
N GLY A 342 8.47 -2.43 -4.90
CA GLY A 342 9.16 -1.91 -6.06
C GLY A 342 9.65 -2.98 -7.02
N CYS A 343 9.81 -4.21 -6.54
CA CYS A 343 10.22 -5.32 -7.40
C CYS A 343 8.99 -6.06 -7.94
N CYS A 344 8.13 -5.30 -8.60
CA CYS A 344 6.89 -5.82 -9.16
C CYS A 344 7.11 -6.23 -10.61
N ASN A 345 6.75 -7.48 -10.92
CA ASN A 345 6.91 -8.04 -12.26
C ASN A 345 5.59 -8.33 -12.95
N VAL A 346 4.67 -8.99 -12.27
CA VAL A 346 3.38 -9.38 -12.84
C VAL A 346 2.28 -8.72 -12.02
N ILE A 347 1.36 -8.03 -12.70
CA ILE A 347 0.23 -7.37 -12.07
C ILE A 347 -1.05 -7.94 -12.67
N CYS A 348 -1.96 -8.36 -11.81
CA CYS A 348 -3.25 -8.91 -12.22
C CYS A 348 -4.38 -8.12 -11.57
N SER A 349 -5.42 -7.84 -12.35
CA SER A 349 -6.57 -7.10 -11.85
C SER A 349 -7.81 -7.53 -12.62
N ASP A 350 -8.96 -7.23 -12.05
CA ASP A 350 -10.19 -7.58 -12.68
C ASP A 350 -10.46 -6.62 -13.78
N LYS A 351 -11.70 -6.54 -14.22
CA LYS A 351 -12.00 -5.55 -15.23
C LYS A 351 -13.16 -4.68 -14.86
N THR A 352 -13.80 -4.92 -13.74
CA THR A 352 -14.96 -4.14 -13.41
C THR A 352 -14.68 -3.67 -12.04
N GLY A 353 -14.01 -2.55 -11.96
CA GLY A 353 -13.68 -1.99 -10.67
C GLY A 353 -12.38 -1.23 -10.81
N THR A 354 -11.37 -1.86 -11.40
CA THR A 354 -10.08 -1.23 -11.46
C THR A 354 -9.71 -0.58 -12.79
N LEU A 355 -10.10 -1.14 -13.91
CA LEU A 355 -9.76 -0.64 -15.24
C LEU A 355 -10.84 0.27 -15.81
N THR A 356 -12.11 -0.08 -15.62
CA THR A 356 -13.24 0.69 -16.13
C THR A 356 -14.18 1.06 -14.99
N LYS A 357 -14.85 2.20 -15.15
CA LYS A 357 -15.80 2.65 -14.15
C LYS A 357 -16.99 1.71 -14.07
N ASN A 358 -17.56 1.60 -12.87
CA ASN A 358 -18.71 0.71 -12.64
C ASN A 358 -20.01 1.42 -13.00
N GLU A 359 -20.05 1.94 -14.23
CA GLU A 359 -21.22 2.61 -14.79
C GLU A 359 -21.60 1.88 -16.07
N MET A 360 -22.63 1.03 -15.99
CA MET A 360 -23.06 0.21 -17.11
C MET A 360 -24.40 0.71 -17.64
N THR A 361 -24.48 0.85 -18.96
CA THR A 361 -25.73 1.18 -19.64
C THR A 361 -25.91 0.25 -20.83
N VAL A 362 -27.15 0.01 -21.20
CA VAL A 362 -27.50 -0.87 -22.32
C VAL A 362 -27.75 0.00 -23.55
N THR A 363 -27.00 -0.25 -24.62
CA THR A 363 -27.11 0.53 -25.84
C THR A 363 -27.51 -0.31 -27.05
N HIS A 364 -27.65 -1.63 -26.90
CA HIS A 364 -28.02 -2.50 -28.01
C HIS A 364 -29.04 -3.52 -27.54
N ILE A 365 -30.06 -3.75 -28.36
CA ILE A 365 -31.11 -4.72 -28.07
C ILE A 365 -31.22 -5.68 -29.26
N PHE A 366 -31.11 -6.97 -28.97
CA PHE A 366 -31.24 -8.00 -29.99
C PHE A 366 -32.27 -9.02 -29.54
N THR A 367 -33.10 -9.47 -30.48
CA THR A 367 -34.20 -10.38 -30.19
C THR A 367 -34.01 -11.68 -30.98
N SER A 368 -34.93 -12.62 -30.77
CA SER A 368 -34.85 -13.91 -31.45
C SER A 368 -35.01 -13.76 -32.95
N ASP A 369 -35.98 -12.94 -33.38
CA ASP A 369 -36.18 -12.72 -34.81
C ASP A 369 -34.98 -12.00 -35.43
N GLY A 370 -34.45 -10.99 -34.74
CA GLY A 370 -33.30 -10.27 -35.21
C GLY A 370 -33.64 -8.87 -35.70
N LEU A 371 -33.43 -7.87 -34.85
CA LEU A 371 -33.64 -6.47 -35.20
C LEU A 371 -32.61 -5.65 -34.44
N HIS A 372 -31.74 -4.96 -35.18
CA HIS A 372 -30.69 -4.16 -34.55
C HIS A 372 -31.27 -2.89 -33.95
N ALA A 373 -31.57 -2.93 -32.66
CA ALA A 373 -32.15 -1.81 -31.94
C ALA A 373 -31.06 -1.16 -31.09
N GLU A 374 -30.87 0.15 -31.26
CA GLU A 374 -29.86 0.89 -30.52
C GLU A 374 -30.53 1.77 -29.47
N VAL A 375 -29.91 1.85 -28.30
CA VAL A 375 -30.43 2.61 -27.17
C VAL A 375 -29.45 3.74 -26.85
N THR A 376 -29.97 4.95 -26.75
CA THR A 376 -29.17 6.13 -26.44
C THR A 376 -29.32 6.52 -24.97
N GLY A 377 -28.33 7.26 -24.48
CA GLY A 377 -28.33 7.69 -23.10
C GLY A 377 -27.14 7.17 -22.31
N VAL A 378 -26.62 7.97 -21.39
CA VAL A 378 -25.47 7.61 -20.57
C VAL A 378 -25.83 7.79 -19.11
N GLY A 379 -25.62 6.74 -18.31
CA GLY A 379 -25.96 6.78 -16.91
C GLY A 379 -27.37 6.28 -16.63
N TYR A 380 -27.66 6.16 -15.33
CA TYR A 380 -28.97 5.70 -14.87
C TYR A 380 -29.95 6.87 -14.81
N ASN A 381 -30.37 7.30 -15.99
CA ASN A 381 -31.25 8.44 -16.18
C ASN A 381 -32.33 8.10 -17.20
N GLN A 382 -33.44 8.85 -17.14
CA GLN A 382 -34.59 8.55 -17.97
C GLN A 382 -34.60 9.29 -19.30
N PHE A 383 -33.67 10.24 -19.51
CA PHE A 383 -33.49 10.79 -20.84
C PHE A 383 -32.89 9.74 -21.78
N GLY A 384 -33.69 9.20 -22.67
CA GLY A 384 -33.21 8.20 -23.60
C GLY A 384 -34.37 7.53 -24.31
N GLU A 385 -34.00 6.72 -25.31
CA GLU A 385 -34.99 6.02 -26.11
C GLU A 385 -34.32 4.83 -26.77
N VAL A 386 -35.15 3.90 -27.24
CA VAL A 386 -34.70 2.74 -28.01
C VAL A 386 -34.96 3.02 -29.48
N ILE A 387 -33.96 2.79 -30.33
CA ILE A 387 -34.02 3.15 -31.73
C ILE A 387 -33.79 1.90 -32.57
N VAL A 388 -34.86 1.40 -33.19
CA VAL A 388 -34.76 0.38 -34.22
C VAL A 388 -34.40 1.10 -35.52
N ASP A 389 -34.06 0.36 -36.57
CA ASP A 389 -33.62 1.00 -37.80
C ASP A 389 -34.79 1.70 -38.49
N GLY A 390 -35.35 2.70 -37.82
CA GLY A 390 -36.43 3.52 -38.31
C GLY A 390 -37.77 3.08 -37.76
N ASP A 391 -38.21 3.71 -36.67
CA ASP A 391 -39.42 3.41 -35.92
C ASP A 391 -39.56 4.48 -34.85
N VAL A 392 -40.72 4.48 -34.18
CA VAL A 392 -40.97 5.28 -32.99
C VAL A 392 -41.71 4.37 -32.02
N VAL A 393 -41.02 3.90 -30.99
CA VAL A 393 -41.58 2.94 -30.04
C VAL A 393 -41.49 3.53 -28.63
N HIS A 394 -42.64 3.69 -27.98
CA HIS A 394 -42.71 4.13 -26.60
C HIS A 394 -43.77 3.34 -25.85
N GLY A 395 -43.81 2.03 -26.07
CA GLY A 395 -44.83 1.20 -25.42
C GLY A 395 -44.88 -0.18 -26.06
N PHE A 396 -46.06 -0.78 -25.99
CA PHE A 396 -46.28 -2.15 -26.49
C PHE A 396 -46.49 -2.09 -28.00
N TYR A 397 -45.37 -2.03 -28.73
CA TYR A 397 -45.38 -2.10 -30.18
C TYR A 397 -44.70 -3.37 -30.69
N ASN A 398 -43.45 -3.60 -30.30
CA ASN A 398 -42.75 -4.82 -30.67
C ASN A 398 -42.85 -5.81 -29.53
N PRO A 399 -43.50 -6.97 -29.72
CA PRO A 399 -43.66 -7.92 -28.60
C PRO A 399 -42.34 -8.43 -28.05
N ALA A 400 -41.30 -8.57 -28.89
CA ALA A 400 -40.05 -9.16 -28.44
C ALA A 400 -39.35 -8.27 -27.42
N VAL A 401 -39.20 -6.98 -27.74
CA VAL A 401 -38.53 -6.07 -26.80
C VAL A 401 -39.35 -5.89 -25.54
N SER A 402 -40.69 -5.87 -25.66
CA SER A 402 -41.54 -5.78 -24.49
C SER A 402 -41.36 -6.99 -23.57
N ARG A 403 -41.29 -8.19 -24.16
CA ARG A 403 -41.04 -9.38 -23.36
C ARG A 403 -39.66 -9.34 -22.72
N ILE A 404 -38.67 -8.81 -23.45
CA ILE A 404 -37.32 -8.71 -22.91
C ILE A 404 -37.28 -7.80 -21.69
N VAL A 405 -37.91 -6.62 -21.81
CA VAL A 405 -37.88 -5.69 -20.68
C VAL A 405 -38.73 -6.21 -19.53
N GLU A 406 -39.83 -6.91 -19.83
CA GLU A 406 -40.62 -7.52 -18.77
C GLU A 406 -39.81 -8.57 -18.01
N ALA A 407 -39.06 -9.40 -18.75
CA ALA A 407 -38.20 -10.39 -18.09
C ALA A 407 -37.12 -9.71 -17.26
N GLY A 408 -36.56 -8.61 -17.77
CA GLY A 408 -35.60 -7.85 -16.98
C GLY A 408 -36.19 -7.32 -15.69
N CYS A 409 -37.43 -6.82 -15.76
CA CYS A 409 -38.11 -6.34 -14.55
C CYS A 409 -38.34 -7.47 -13.57
N VAL A 410 -38.81 -8.62 -14.06
CA VAL A 410 -39.13 -9.74 -13.17
C VAL A 410 -37.86 -10.27 -12.50
N CYS A 411 -36.79 -10.44 -13.26
CA CYS A 411 -35.55 -10.98 -12.71
C CYS A 411 -34.73 -9.96 -11.94
N ASN A 412 -35.12 -8.68 -11.97
CA ASN A 412 -34.37 -7.66 -11.26
C ASN A 412 -34.51 -7.83 -9.75
N ASP A 413 -33.44 -7.52 -9.03
CA ASP A 413 -33.43 -7.58 -7.57
C ASP A 413 -33.17 -6.22 -6.93
N ALA A 414 -32.44 -5.33 -7.59
CA ALA A 414 -32.15 -4.02 -7.05
C ALA A 414 -33.28 -3.04 -7.40
N VAL A 415 -33.27 -1.89 -6.72
CA VAL A 415 -34.26 -0.84 -6.92
C VAL A 415 -33.55 0.49 -7.13
N ILE A 416 -33.97 1.20 -8.17
CA ILE A 416 -33.41 2.51 -8.52
C ILE A 416 -34.34 3.59 -8.00
N ARG A 417 -33.77 4.61 -7.36
CA ARG A 417 -34.56 5.71 -6.82
C ARG A 417 -33.79 7.01 -7.00
N ASN A 418 -34.52 8.06 -7.39
CA ASN A 418 -33.99 9.41 -7.61
C ASN A 418 -32.61 9.40 -8.27
N ASN A 419 -32.52 8.63 -9.36
CA ASN A 419 -31.30 8.54 -10.18
C ASN A 419 -30.11 8.09 -9.36
N THR A 420 -30.33 7.15 -8.44
CA THR A 420 -29.27 6.54 -7.64
C THR A 420 -29.36 5.02 -7.76
N LEU A 421 -28.19 4.38 -7.68
CA LEU A 421 -28.09 2.93 -7.83
C LEU A 421 -27.60 2.32 -6.51
N MET A 422 -28.30 1.28 -6.05
CA MET A 422 -27.91 0.53 -4.86
C MET A 422 -28.02 -0.96 -5.20
N GLY A 423 -26.93 -1.52 -5.70
CA GLY A 423 -26.90 -2.90 -6.11
C GLY A 423 -25.82 -3.12 -7.15
N LYS A 424 -25.87 -4.30 -7.76
CA LYS A 424 -24.88 -4.63 -8.78
C LYS A 424 -25.10 -3.77 -10.02
N PRO A 425 -24.02 -3.39 -10.72
CA PRO A 425 -24.18 -2.52 -11.90
C PRO A 425 -25.01 -3.14 -13.01
N THR A 426 -24.96 -4.46 -13.20
CA THR A 426 -25.71 -5.09 -14.27
C THR A 426 -27.22 -4.95 -14.06
N GLU A 427 -27.68 -5.24 -12.84
CA GLU A 427 -29.10 -5.07 -12.54
C GLU A 427 -29.51 -3.61 -12.60
N GLY A 428 -28.63 -2.69 -12.21
CA GLY A 428 -28.93 -1.27 -12.35
C GLY A 428 -29.11 -0.86 -13.80
N ALA A 429 -28.22 -1.35 -14.68
CA ALA A 429 -28.37 -1.07 -16.10
C ALA A 429 -29.65 -1.67 -16.66
N LEU A 430 -29.99 -2.90 -16.24
CA LEU A 430 -31.22 -3.53 -16.70
C LEU A 430 -32.45 -2.75 -16.27
N ILE A 431 -32.48 -2.31 -15.01
CA ILE A 431 -33.63 -1.56 -14.53
C ILE A 431 -33.69 -0.17 -15.16
N ALA A 432 -32.54 0.44 -15.46
CA ALA A 432 -32.54 1.72 -16.17
C ALA A 432 -33.10 1.55 -17.59
N LEU A 433 -32.71 0.49 -18.27
CA LEU A 433 -33.26 0.21 -19.60
C LEU A 433 -34.75 -0.04 -19.52
N ALA A 434 -35.20 -0.78 -18.50
CA ALA A 434 -36.62 -1.05 -18.34
C ALA A 434 -37.40 0.24 -18.08
N MET A 435 -36.87 1.12 -17.23
CA MET A 435 -37.53 2.39 -16.95
C MET A 435 -37.54 3.29 -18.18
N LYS A 436 -36.51 3.19 -19.03
CA LYS A 436 -36.46 4.00 -20.24
C LYS A 436 -37.65 3.69 -21.16
N MET A 437 -38.01 2.42 -21.28
CA MET A 437 -39.16 2.04 -22.09
C MET A 437 -40.49 2.40 -21.43
N GLY A 438 -40.46 2.74 -20.14
CA GLY A 438 -41.67 3.13 -19.43
C GLY A 438 -42.33 2.04 -18.62
N LEU A 439 -41.70 0.89 -18.44
CA LEU A 439 -42.27 -0.24 -17.71
C LEU A 439 -41.65 -0.39 -16.32
N ASP A 440 -41.35 0.72 -15.66
CA ASP A 440 -40.76 0.66 -14.32
C ASP A 440 -41.73 0.12 -13.27
N GLY A 441 -43.04 0.16 -13.55
CA GLY A 441 -44.02 -0.32 -12.60
C GLY A 441 -44.18 -1.81 -12.51
N LEU A 442 -43.55 -2.55 -13.41
CA LEU A 442 -43.63 -4.01 -13.41
C LEU A 442 -42.61 -4.66 -12.48
N GLN A 443 -41.69 -3.90 -11.91
CA GLN A 443 -40.70 -4.47 -11.00
C GLN A 443 -41.36 -4.96 -9.72
N GLN A 444 -42.24 -4.15 -9.13
CA GLN A 444 -42.95 -4.54 -7.92
C GLN A 444 -44.27 -5.24 -8.21
N ASP A 445 -44.69 -5.29 -9.47
CA ASP A 445 -45.94 -5.99 -9.80
C ASP A 445 -45.80 -7.50 -9.60
N TYR A 446 -44.63 -8.04 -9.91
CA TYR A 446 -44.36 -9.47 -9.75
C TYR A 446 -43.68 -9.71 -8.41
N ILE A 447 -44.19 -10.67 -7.65
CA ILE A 447 -43.68 -11.01 -6.33
C ILE A 447 -42.99 -12.37 -6.41
N ARG A 448 -41.74 -12.42 -5.96
CA ARG A 448 -40.97 -13.65 -6.02
C ARG A 448 -41.43 -14.63 -4.94
N LYS A 449 -41.47 -15.91 -5.30
CA LYS A 449 -41.76 -16.98 -4.35
C LYS A 449 -40.57 -17.89 -4.11
N ALA A 450 -39.95 -18.40 -5.18
CA ALA A 450 -38.74 -19.19 -5.10
C ALA A 450 -37.59 -18.37 -5.68
N GLU A 451 -36.51 -18.24 -4.91
CA GLU A 451 -35.38 -17.40 -5.28
C GLU A 451 -34.15 -18.26 -5.51
N TYR A 452 -33.49 -18.04 -6.64
CA TYR A 452 -32.24 -18.73 -6.96
C TYR A 452 -31.08 -17.75 -6.82
N PRO A 453 -30.25 -17.86 -5.78
CA PRO A 453 -29.16 -16.89 -5.61
C PRO A 453 -28.17 -16.94 -6.76
N PHE A 454 -27.61 -15.78 -7.09
CA PHE A 454 -26.62 -15.66 -8.14
C PHE A 454 -25.23 -15.88 -7.56
N SER A 455 -24.43 -16.69 -8.24
CA SER A 455 -23.09 -17.03 -7.80
C SER A 455 -22.11 -16.90 -8.96
N SER A 456 -20.84 -16.71 -8.61
CA SER A 456 -19.80 -16.60 -9.63
C SER A 456 -19.67 -17.89 -10.43
N GLU A 457 -19.74 -19.04 -9.74
CA GLU A 457 -19.67 -20.33 -10.42
C GLU A 457 -20.96 -20.67 -11.15
N GLN A 458 -22.05 -19.97 -10.87
CA GLN A 458 -23.33 -20.23 -11.54
C GLN A 458 -23.53 -19.36 -12.77
N LYS A 459 -23.27 -18.06 -12.65
CA LYS A 459 -23.38 -17.09 -13.74
C LYS A 459 -24.79 -16.96 -14.27
N TRP A 460 -25.79 -17.35 -13.50
CA TRP A 460 -27.19 -17.15 -13.87
C TRP A 460 -28.04 -17.16 -12.62
N MET A 461 -29.08 -16.32 -12.62
CA MET A 461 -30.03 -16.24 -11.51
C MET A 461 -31.44 -16.38 -12.05
N ALA A 462 -32.31 -16.98 -11.25
CA ALA A 462 -33.68 -17.26 -11.66
C ALA A 462 -34.65 -16.87 -10.55
N VAL A 463 -35.86 -16.47 -10.97
CA VAL A 463 -36.94 -16.13 -10.04
C VAL A 463 -38.21 -16.80 -10.51
N LYS A 464 -39.15 -16.96 -9.58
CA LYS A 464 -40.45 -17.56 -9.83
C LYS A 464 -41.53 -16.57 -9.40
N CYS A 465 -42.08 -15.85 -10.37
CA CYS A 465 -43.09 -14.83 -10.11
C CYS A 465 -44.24 -14.97 -11.09
N VAL A 466 -45.44 -14.62 -10.62
CA VAL A 466 -46.64 -14.63 -11.43
C VAL A 466 -47.38 -13.31 -11.21
N HIS A 467 -48.28 -13.00 -12.14
CA HIS A 467 -49.09 -11.79 -12.02
C HIS A 467 -50.06 -11.92 -10.85
N ARG A 468 -50.29 -10.79 -10.17
CA ARG A 468 -51.20 -10.78 -9.02
C ARG A 468 -52.64 -10.45 -9.42
N THR A 469 -52.84 -9.72 -10.50
CA THR A 469 -54.19 -9.41 -10.95
C THR A 469 -54.93 -10.67 -11.37
N GLN A 470 -54.27 -11.56 -12.11
CA GLN A 470 -54.84 -12.83 -12.53
C GLN A 470 -53.88 -13.95 -12.23
N GLN A 471 -54.43 -15.10 -11.78
CA GLN A 471 -53.62 -16.25 -11.41
C GLN A 471 -54.11 -17.52 -12.11
N ASP A 472 -54.92 -17.39 -13.15
CA ASP A 472 -55.39 -18.58 -13.87
C ASP A 472 -54.24 -19.31 -14.54
N ARG A 473 -53.33 -18.58 -15.16
CA ARG A 473 -52.18 -19.20 -15.81
C ARG A 473 -51.22 -19.76 -14.77
N PRO A 474 -50.48 -20.83 -15.11
CA PRO A 474 -49.55 -21.41 -14.13
C PRO A 474 -48.28 -20.60 -13.96
N GLU A 475 -47.34 -21.12 -13.17
CA GLU A 475 -46.11 -20.40 -12.88
C GLU A 475 -45.26 -20.23 -14.13
N ILE A 476 -44.58 -19.09 -14.22
CA ILE A 476 -43.68 -18.78 -15.32
C ILE A 476 -42.35 -18.31 -14.74
N CYS A 477 -41.26 -18.80 -15.31
CA CYS A 477 -39.92 -18.48 -14.84
C CYS A 477 -39.31 -17.38 -15.70
N PHE A 478 -38.41 -16.61 -15.09
CA PHE A 478 -37.70 -15.53 -15.77
C PHE A 478 -36.27 -15.51 -15.25
N MET A 479 -35.31 -15.86 -16.10
CA MET A 479 -33.92 -15.97 -15.69
C MET A 479 -33.02 -15.37 -16.76
N LYS A 480 -31.86 -14.89 -16.33
CA LYS A 480 -30.88 -14.28 -17.22
C LYS A 480 -29.48 -14.71 -16.81
N GLY A 481 -28.56 -14.61 -17.76
CA GLY A 481 -27.18 -14.99 -17.49
C GLY A 481 -26.37 -15.04 -18.77
N ALA A 482 -25.22 -15.70 -18.70
CA ALA A 482 -24.35 -15.84 -19.85
C ALA A 482 -25.02 -16.70 -20.92
N TYR A 483 -24.66 -16.44 -22.19
CA TYR A 483 -25.27 -17.15 -23.30
C TYR A 483 -24.95 -18.64 -23.24
N GLU A 484 -23.72 -18.98 -22.84
CA GLU A 484 -23.34 -20.39 -22.75
C GLU A 484 -24.15 -21.13 -21.69
N GLN A 485 -24.55 -20.43 -20.63
CA GLN A 485 -25.36 -21.02 -19.57
C GLN A 485 -26.86 -20.82 -19.79
N VAL A 486 -27.26 -20.18 -20.88
CA VAL A 486 -28.67 -19.93 -21.18
C VAL A 486 -29.19 -20.86 -22.26
N ILE A 487 -28.43 -21.02 -23.35
CA ILE A 487 -28.87 -21.86 -24.44
C ILE A 487 -28.88 -23.34 -24.05
N LYS A 488 -28.13 -23.72 -23.01
CA LYS A 488 -28.15 -25.11 -22.56
C LYS A 488 -29.50 -25.46 -21.93
N TYR A 489 -30.12 -24.52 -21.21
CA TYR A 489 -31.40 -24.75 -20.57
C TYR A 489 -32.58 -24.34 -21.44
N CYS A 490 -32.33 -23.84 -22.65
CA CYS A 490 -33.38 -23.34 -23.53
C CYS A 490 -33.32 -24.07 -24.86
N THR A 491 -34.40 -24.76 -25.22
CA THR A 491 -34.51 -25.43 -26.51
C THR A 491 -35.70 -24.94 -27.32
N THR A 492 -36.38 -23.88 -26.87
CA THR A 492 -37.52 -23.33 -27.58
C THR A 492 -37.31 -21.84 -27.80
N TYR A 493 -37.91 -21.32 -28.87
CA TYR A 493 -37.82 -19.91 -29.20
C TYR A 493 -39.10 -19.47 -29.88
N GLN A 494 -39.31 -18.15 -29.91
CA GLN A 494 -40.51 -17.55 -30.47
C GLN A 494 -40.16 -16.74 -31.71
N SER A 495 -41.06 -16.76 -32.69
CA SER A 495 -40.90 -16.00 -33.92
C SER A 495 -41.93 -14.89 -34.08
N LYS A 496 -43.21 -15.22 -34.00
CA LYS A 496 -44.29 -14.24 -34.14
C LYS A 496 -45.36 -14.46 -33.07
N GLY A 497 -44.93 -14.77 -31.85
CA GLY A 497 -45.85 -15.05 -30.77
C GLY A 497 -45.93 -16.53 -30.44
N GLN A 498 -45.91 -17.37 -31.47
CA GLN A 498 -45.93 -18.80 -31.27
C GLN A 498 -44.56 -19.30 -30.82
N THR A 499 -44.54 -20.54 -30.32
CA THR A 499 -43.33 -21.15 -29.79
C THR A 499 -42.83 -22.21 -30.77
N LEU A 500 -41.54 -22.13 -31.11
CA LEU A 500 -40.88 -23.09 -31.99
C LEU A 500 -39.62 -23.62 -31.29
N THR A 501 -38.83 -24.39 -32.02
CA THR A 501 -37.62 -24.99 -31.49
C THR A 501 -36.41 -24.58 -32.31
N LEU A 502 -35.30 -24.31 -31.63
CA LEU A 502 -34.07 -23.92 -32.31
C LEU A 502 -33.27 -25.15 -32.72
N THR A 503 -32.51 -25.00 -33.80
CA THR A 503 -31.60 -26.03 -34.28
C THR A 503 -30.20 -25.41 -34.39
N GLN A 504 -29.29 -26.16 -35.01
CA GLN A 504 -27.91 -25.67 -35.17
C GLN A 504 -27.86 -24.45 -36.08
N GLN A 505 -28.73 -24.40 -37.10
CA GLN A 505 -28.72 -23.29 -38.05
C GLN A 505 -29.07 -21.96 -37.39
N GLN A 506 -29.71 -21.98 -36.22
CA GLN A 506 -29.92 -20.78 -35.44
C GLN A 506 -28.86 -20.57 -34.37
N ARG A 507 -28.34 -21.67 -33.80
CA ARG A 507 -27.30 -21.55 -32.79
C ARG A 507 -26.04 -20.92 -33.37
N ASP A 508 -25.68 -21.28 -34.61
CA ASP A 508 -24.46 -20.72 -35.20
C ASP A 508 -24.59 -19.22 -35.42
N VAL A 509 -25.72 -18.77 -35.96
CA VAL A 509 -25.89 -17.33 -36.20
C VAL A 509 -26.01 -16.58 -34.88
N TYR A 510 -26.61 -17.22 -33.87
CA TYR A 510 -26.64 -16.61 -32.55
C TYR A 510 -25.22 -16.45 -31.99
N GLN A 511 -24.37 -17.44 -32.21
CA GLN A 511 -22.97 -17.33 -31.78
C GLN A 511 -22.25 -16.22 -32.52
N GLN A 512 -22.50 -16.08 -33.83
CA GLN A 512 -21.89 -14.99 -34.58
C GLN A 512 -22.37 -13.63 -34.06
N GLU A 513 -23.66 -13.51 -33.75
CA GLU A 513 -24.17 -12.26 -33.19
C GLU A 513 -23.57 -11.99 -31.82
N LYS A 514 -23.38 -13.02 -31.01
CA LYS A 514 -22.73 -12.86 -29.71
C LYS A 514 -21.30 -12.37 -29.88
N ALA A 515 -20.57 -12.92 -30.85
CA ALA A 515 -19.21 -12.46 -31.11
C ALA A 515 -19.20 -11.02 -31.58
N ARG A 516 -20.14 -10.65 -32.46
CA ARG A 516 -20.22 -9.27 -32.93
C ARG A 516 -20.51 -8.31 -31.79
N MET A 517 -21.42 -8.70 -30.88
CA MET A 517 -21.69 -7.87 -29.72
C MET A 517 -20.47 -7.76 -28.82
N GLY A 518 -19.75 -8.87 -28.62
CA GLY A 518 -18.54 -8.85 -27.84
C GLY A 518 -17.44 -8.01 -28.45
N SER A 519 -17.48 -7.79 -29.76
CA SER A 519 -16.54 -6.89 -30.40
C SER A 519 -16.78 -5.45 -29.94
N ALA A 520 -15.92 -4.54 -30.39
CA ALA A 520 -15.97 -3.13 -30.03
C ALA A 520 -15.84 -2.94 -28.52
N GLY A 521 -16.92 -2.53 -27.87
CA GLY A 521 -16.87 -2.28 -26.44
C GLY A 521 -18.13 -2.68 -25.68
N LEU A 522 -18.94 -3.55 -26.28
CA LEU A 522 -20.20 -3.95 -25.68
C LEU A 522 -20.04 -5.21 -24.84
N ARG A 523 -20.97 -5.40 -23.91
CA ARG A 523 -21.02 -6.58 -23.06
C ARG A 523 -22.19 -7.45 -23.47
N VAL A 524 -22.02 -8.77 -23.36
CA VAL A 524 -22.98 -9.74 -23.88
C VAL A 524 -23.66 -10.43 -22.69
N LEU A 525 -25.00 -10.44 -22.73
CA LEU A 525 -25.79 -11.20 -21.77
C LEU A 525 -26.91 -11.93 -22.51
N ALA A 526 -27.79 -12.61 -21.77
CA ALA A 526 -28.89 -13.34 -22.39
C ALA A 526 -30.12 -13.27 -21.51
N LEU A 527 -31.29 -13.34 -22.16
CA LEU A 527 -32.56 -13.31 -21.46
C LEU A 527 -33.37 -14.53 -21.88
N ALA A 528 -33.98 -15.21 -20.90
CA ALA A 528 -34.78 -16.39 -21.16
C ALA A 528 -35.98 -16.41 -20.23
N SER A 529 -37.04 -17.09 -20.68
CA SER A 529 -38.27 -17.20 -19.89
C SER A 529 -39.00 -18.46 -20.29
N GLY A 530 -39.75 -19.03 -19.36
CA GLY A 530 -40.52 -20.23 -19.61
C GLY A 530 -41.40 -20.60 -18.43
N PRO A 531 -42.29 -21.58 -18.64
CA PRO A 531 -43.18 -21.99 -17.54
C PRO A 531 -42.45 -22.75 -16.44
N GLU A 532 -41.55 -23.65 -16.82
CA GLU A 532 -40.78 -24.44 -15.86
C GLU A 532 -39.30 -24.26 -16.15
N LEU A 533 -38.49 -24.29 -15.08
CA LEU A 533 -37.06 -24.07 -15.24
C LEU A 533 -36.35 -25.35 -15.69
N GLY A 534 -36.87 -25.97 -16.74
CA GLY A 534 -36.20 -27.07 -17.41
C GLY A 534 -36.39 -26.94 -18.91
N GLN A 535 -37.23 -26.00 -19.31
CA GLN A 535 -37.52 -25.76 -20.73
C GLN A 535 -38.08 -24.35 -20.84
N LEU A 536 -37.31 -23.45 -21.46
CA LEU A 536 -37.66 -22.04 -21.53
C LEU A 536 -37.76 -21.60 -22.99
N THR A 537 -38.03 -20.31 -23.18
CA THR A 537 -38.12 -19.71 -24.50
C THR A 537 -37.09 -18.59 -24.60
N PHE A 538 -36.26 -18.64 -25.64
CA PHE A 538 -35.21 -17.66 -25.81
C PHE A 538 -35.81 -16.31 -26.23
N LEU A 539 -35.36 -15.24 -25.58
CA LEU A 539 -35.82 -13.89 -25.88
C LEU A 539 -34.83 -13.10 -26.70
N GLY A 540 -33.57 -13.07 -26.30
CA GLY A 540 -32.56 -12.34 -27.03
C GLY A 540 -31.38 -11.99 -26.14
N LEU A 541 -30.62 -10.99 -26.58
CA LEU A 541 -29.44 -10.52 -25.88
C LEU A 541 -29.51 -9.01 -25.70
N VAL A 542 -28.81 -8.51 -24.70
CA VAL A 542 -28.80 -7.09 -24.35
C VAL A 542 -27.38 -6.56 -24.51
N GLY A 543 -27.24 -5.44 -25.21
CA GLY A 543 -25.95 -4.84 -25.44
C GLY A 543 -25.54 -3.84 -24.37
N ILE A 544 -25.13 -4.33 -23.21
CA ILE A 544 -24.67 -3.44 -22.14
C ILE A 544 -23.30 -2.90 -22.51
N ILE A 545 -23.11 -1.60 -22.31
CA ILE A 545 -21.84 -0.94 -22.58
C ILE A 545 -21.06 -0.81 -21.29
N ASP A 546 -19.74 -0.63 -21.42
CA ASP A 546 -18.85 -0.48 -20.27
C ASP A 546 -17.68 0.39 -20.70
N PRO A 547 -17.72 1.69 -20.42
CA PRO A 547 -16.65 2.58 -20.87
C PRO A 547 -15.45 2.50 -19.95
N PRO A 548 -14.24 2.48 -20.51
CA PRO A 548 -13.03 2.44 -19.67
C PRO A 548 -12.84 3.74 -18.92
N ARG A 549 -12.16 3.62 -17.78
CA ARG A 549 -11.86 4.80 -16.98
C ARG A 549 -10.85 5.70 -17.69
N THR A 550 -10.95 7.00 -17.41
CA THR A 550 -10.07 7.98 -18.05
C THR A 550 -8.63 7.80 -17.58
N GLY A 551 -7.70 7.98 -18.51
CA GLY A 551 -6.28 7.86 -18.18
C GLY A 551 -5.86 6.48 -17.73
N VAL A 552 -6.33 5.44 -18.42
CA VAL A 552 -5.99 4.07 -18.08
C VAL A 552 -5.18 3.44 -19.21
N LYS A 553 -5.46 3.86 -20.44
CA LYS A 553 -4.75 3.30 -21.59
C LYS A 553 -3.28 3.68 -21.58
N GLU A 554 -2.99 4.98 -21.38
CA GLU A 554 -1.60 5.43 -21.33
C GLU A 554 -0.88 4.82 -20.14
N ALA A 555 -1.56 4.71 -18.99
CA ALA A 555 -0.94 4.09 -17.82
C ALA A 555 -0.58 2.64 -18.10
N VAL A 556 -1.51 1.89 -18.70
CA VAL A 556 -1.25 0.48 -19.01
C VAL A 556 -0.09 0.37 -20.00
N THR A 557 -0.07 1.21 -21.02
CA THR A 557 0.98 1.16 -22.03
C THR A 557 2.35 1.45 -21.41
N THR A 558 2.43 2.52 -20.60
CA THR A 558 3.71 2.88 -19.99
C THR A 558 4.12 1.90 -18.90
N LEU A 559 3.18 1.13 -18.36
CA LEU A 559 3.57 0.08 -17.41
C LEU A 559 4.10 -1.16 -18.13
N ILE A 560 3.38 -1.64 -19.14
CA ILE A 560 3.80 -2.86 -19.82
C ILE A 560 5.06 -2.62 -20.63
N ALA A 561 5.26 -1.40 -21.14
CA ALA A 561 6.39 -1.13 -22.03
C ALA A 561 7.73 -1.31 -21.33
N SER A 562 7.83 -0.86 -20.08
CA SER A 562 9.15 -0.78 -19.44
C SER A 562 9.58 -2.13 -18.87
N GLY A 563 8.87 -2.63 -17.87
CA GLY A 563 9.28 -3.87 -17.23
C GLY A 563 8.18 -4.78 -16.73
N VAL A 564 6.92 -4.41 -16.97
CA VAL A 564 5.78 -5.09 -16.36
C VAL A 564 5.05 -5.88 -17.44
N SER A 565 4.36 -6.94 -17.01
CA SER A 565 3.65 -7.87 -17.89
C SER A 565 2.22 -8.05 -17.41
N ILE A 566 1.52 -6.92 -17.23
CA ILE A 566 0.16 -6.93 -16.70
C ILE A 566 -0.72 -7.90 -17.47
N LYS A 567 -1.50 -8.70 -16.75
CA LYS A 567 -2.46 -9.62 -17.31
C LYS A 567 -3.87 -9.14 -16.97
N MET A 568 -4.86 -9.88 -17.46
CA MET A 568 -6.27 -9.57 -17.22
C MET A 568 -7.00 -10.80 -16.73
N ILE A 569 -7.73 -10.67 -15.62
CA ILE A 569 -8.54 -11.74 -15.06
C ILE A 569 -9.95 -11.18 -14.90
N THR A 570 -10.80 -11.37 -15.91
CA THR A 570 -12.15 -10.85 -15.90
C THR A 570 -13.14 -11.96 -16.22
N GLY A 571 -14.37 -11.77 -15.77
CA GLY A 571 -15.43 -12.73 -15.96
C GLY A 571 -16.24 -12.57 -17.24
N ASP A 572 -15.81 -11.71 -18.15
CA ASP A 572 -16.53 -11.47 -19.38
C ASP A 572 -16.28 -12.62 -20.37
N SER A 573 -16.84 -12.49 -21.57
CA SER A 573 -16.73 -13.51 -22.59
C SER A 573 -15.40 -13.35 -23.33
N GLN A 574 -15.20 -14.17 -24.36
CA GLN A 574 -13.95 -14.12 -25.12
C GLN A 574 -13.84 -12.83 -25.92
N GLU A 575 -14.88 -12.50 -26.69
CA GLU A 575 -14.80 -11.35 -27.58
C GLU A 575 -14.76 -10.04 -26.78
N THR A 576 -15.55 -9.94 -25.73
CA THR A 576 -15.56 -8.71 -24.92
C THR A 576 -14.20 -8.46 -24.29
N ALA A 577 -13.62 -9.49 -23.66
CA ALA A 577 -12.31 -9.33 -23.04
C ALA A 577 -11.24 -9.03 -24.07
N VAL A 578 -11.29 -9.71 -25.23
CA VAL A 578 -10.29 -9.49 -26.27
C VAL A 578 -10.37 -8.04 -26.77
N ALA A 579 -11.58 -7.55 -27.01
CA ALA A 579 -11.74 -6.17 -27.49
C ALA A 579 -11.30 -5.16 -26.44
N ILE A 580 -11.64 -5.41 -25.17
CA ILE A 580 -11.23 -4.49 -24.10
C ILE A 580 -9.71 -4.44 -23.99
N ALA A 581 -9.06 -5.60 -24.05
CA ALA A 581 -7.60 -5.64 -24.00
C ALA A 581 -6.99 -4.97 -25.22
N SER A 582 -7.59 -5.14 -26.39
CA SER A 582 -7.09 -4.50 -27.61
C SER A 582 -7.23 -2.98 -27.53
N ARG A 583 -8.27 -2.49 -26.85
CA ARG A 583 -8.41 -1.05 -26.65
C ARG A 583 -7.24 -0.50 -25.84
N LEU A 584 -6.83 -1.23 -24.80
CA LEU A 584 -5.67 -0.85 -24.01
C LEU A 584 -4.42 -1.48 -24.60
N GLY A 585 -3.31 -1.42 -23.87
CA GLY A 585 -2.06 -2.02 -24.30
C GLY A 585 -1.80 -3.42 -23.77
N LEU A 586 -2.78 -4.05 -23.13
CA LEU A 586 -2.55 -5.38 -22.56
C LEU A 586 -2.39 -6.43 -23.65
N TYR A 587 -3.21 -6.39 -24.69
CA TYR A 587 -3.20 -7.40 -25.73
C TYR A 587 -2.14 -7.11 -26.78
N SER A 588 -1.45 -8.16 -27.22
CA SER A 588 -0.46 -8.04 -28.28
C SER A 588 -0.74 -9.05 -29.39
N LYS A 589 0.16 -9.15 -30.37
CA LYS A 589 -0.02 -10.09 -31.47
C LYS A 589 0.48 -11.49 -31.14
N THR A 590 1.17 -11.67 -30.00
CA THR A 590 1.70 -12.96 -29.61
C THR A 590 1.08 -13.47 -28.31
N SER A 591 -0.08 -12.95 -27.93
CA SER A 591 -0.74 -13.32 -26.69
C SER A 591 -1.92 -14.26 -26.98
N GLN A 592 -2.20 -15.13 -26.02
CA GLN A 592 -3.31 -16.07 -26.14
C GLN A 592 -4.26 -15.95 -24.96
N SER A 593 -5.22 -16.85 -24.86
CA SER A 593 -6.18 -16.84 -23.76
C SER A 593 -6.42 -18.26 -23.28
N VAL A 594 -6.72 -18.39 -21.99
CA VAL A 594 -6.99 -19.67 -21.35
C VAL A 594 -8.40 -19.63 -20.78
N SER A 595 -9.19 -20.65 -21.11
CA SER A 595 -10.56 -20.75 -20.62
C SER A 595 -10.59 -21.30 -19.20
N GLY A 596 -11.75 -21.18 -18.57
CA GLY A 596 -11.91 -21.70 -17.22
C GLY A 596 -11.77 -23.21 -17.16
N GLU A 597 -12.36 -23.92 -18.12
CA GLU A 597 -12.22 -25.36 -18.18
C GLU A 597 -10.77 -25.77 -18.44
N GLU A 598 -10.10 -25.04 -19.33
CA GLU A 598 -8.69 -25.33 -19.61
C GLU A 598 -7.82 -25.10 -18.38
N ILE A 599 -8.06 -23.99 -17.67
CA ILE A 599 -7.28 -23.70 -16.47
C ILE A 599 -7.63 -24.65 -15.33
N ASP A 600 -8.82 -25.26 -15.36
CA ASP A 600 -9.17 -26.27 -14.39
C ASP A 600 -8.59 -27.64 -14.72
N ALA A 601 -8.34 -27.91 -16.00
CA ALA A 601 -7.78 -29.20 -16.40
C ALA A 601 -6.37 -29.38 -15.85
N MET A 602 -5.55 -28.34 -15.89
CA MET A 602 -4.17 -28.39 -15.44
C MET A 602 -4.02 -27.63 -14.14
N ASP A 603 -3.38 -28.25 -13.15
CA ASP A 603 -3.25 -27.63 -11.84
C ASP A 603 -2.07 -26.64 -11.79
N VAL A 604 -0.85 -27.14 -11.96
CA VAL A 604 0.33 -26.30 -11.81
C VAL A 604 1.28 -26.48 -13.00
N GLN A 605 1.63 -27.73 -13.29
CA GLN A 605 2.75 -28.00 -14.20
C GLN A 605 2.48 -27.52 -15.62
N GLN A 606 1.34 -27.90 -16.18
CA GLN A 606 1.04 -27.50 -17.56
C GLN A 606 0.72 -26.02 -17.69
N LEU A 607 0.29 -25.38 -16.61
CA LEU A 607 0.01 -23.95 -16.64
C LEU A 607 1.28 -23.10 -16.56
N SER A 608 2.39 -23.68 -16.08
CA SER A 608 3.60 -22.89 -15.88
C SER A 608 4.17 -22.38 -17.19
N GLN A 609 4.14 -23.20 -18.24
CA GLN A 609 4.74 -22.84 -19.52
C GLN A 609 3.85 -21.93 -20.36
N ILE A 610 2.62 -21.65 -19.92
CA ILE A 610 1.72 -20.82 -20.70
C ILE A 610 1.38 -19.50 -20.01
N VAL A 611 1.56 -19.39 -18.69
CA VAL A 611 1.20 -18.14 -17.99
C VAL A 611 1.96 -16.93 -18.53
N PRO A 612 3.28 -16.97 -18.73
CA PRO A 612 3.97 -15.78 -19.26
C PRO A 612 3.58 -15.40 -20.68
N LYS A 613 2.74 -16.19 -21.35
CA LYS A 613 2.33 -15.91 -22.72
C LYS A 613 0.86 -15.56 -22.85
N VAL A 614 0.11 -15.53 -21.76
CA VAL A 614 -1.32 -15.19 -21.78
C VAL A 614 -1.52 -13.93 -20.94
N ALA A 615 -2.22 -12.96 -21.51
CA ALA A 615 -2.54 -11.72 -20.81
C ALA A 615 -4.03 -11.54 -20.54
N VAL A 616 -4.87 -12.39 -21.09
CA VAL A 616 -6.33 -12.29 -20.92
C VAL A 616 -6.86 -13.64 -20.46
N PHE A 617 -7.59 -13.65 -19.36
CA PHE A 617 -8.22 -14.85 -18.84
C PHE A 617 -9.72 -14.79 -19.04
N TYR A 618 -10.34 -15.96 -19.22
CA TYR A 618 -11.78 -16.06 -19.42
C TYR A 618 -12.47 -15.96 -18.06
N ARG A 619 -13.76 -16.28 -18.04
CA ARG A 619 -14.53 -16.26 -16.80
C ARG A 619 -13.88 -17.20 -15.78
N ALA A 620 -13.34 -16.62 -14.71
CA ALA A 620 -12.55 -17.36 -13.73
C ALA A 620 -13.26 -17.36 -12.38
N SER A 621 -12.61 -17.95 -11.39
CA SER A 621 -13.13 -18.12 -10.05
C SER A 621 -11.99 -17.88 -9.07
N PRO A 622 -12.30 -17.63 -7.79
CA PRO A 622 -11.22 -17.48 -6.79
C PRO A 622 -10.31 -18.70 -6.72
N ARG A 623 -10.84 -19.91 -6.94
CA ARG A 623 -9.98 -21.08 -7.05
C ARG A 623 -9.05 -20.97 -8.25
N HIS A 624 -9.57 -20.48 -9.38
CA HIS A 624 -8.71 -20.24 -10.53
C HIS A 624 -7.67 -19.18 -10.23
N LYS A 625 -8.04 -18.15 -9.46
CA LYS A 625 -7.06 -17.15 -9.04
C LYS A 625 -5.96 -17.77 -8.19
N MET A 626 -6.34 -18.67 -7.28
CA MET A 626 -5.34 -19.40 -6.50
C MET A 626 -4.43 -20.22 -7.40
N LYS A 627 -5.00 -20.86 -8.43
CA LYS A 627 -4.20 -21.65 -9.35
C LYS A 627 -3.20 -20.77 -10.10
N ILE A 628 -3.64 -19.59 -10.56
CA ILE A 628 -2.73 -18.66 -11.23
C ILE A 628 -1.66 -18.19 -10.27
N ILE A 629 -2.02 -17.92 -9.01
CA ILE A 629 -1.04 -17.48 -8.03
C ILE A 629 0.02 -18.57 -7.83
N LYS A 630 -0.41 -19.82 -7.68
CA LYS A 630 0.53 -20.92 -7.49
C LYS A 630 1.44 -21.09 -8.70
N SER A 631 0.86 -21.02 -9.90
CA SER A 631 1.66 -21.17 -11.12
C SER A 631 2.68 -20.05 -11.26
N LEU A 632 2.28 -18.82 -10.95
CA LEU A 632 3.19 -17.69 -11.08
C LEU A 632 4.30 -17.73 -10.03
N GLN A 633 3.96 -18.11 -8.79
CA GLN A 633 4.98 -18.21 -7.77
C GLN A 633 5.91 -19.38 -8.02
N LYS A 634 5.43 -20.42 -8.71
CA LYS A 634 6.30 -21.54 -9.08
C LYS A 634 7.39 -21.08 -10.05
N ASN A 635 7.03 -20.20 -10.99
CA ASN A 635 8.01 -19.70 -11.95
C ASN A 635 8.97 -18.70 -11.32
N GLY A 636 8.62 -18.11 -10.17
CA GLY A 636 9.50 -17.17 -9.52
C GLY A 636 9.22 -15.73 -9.89
N SER A 637 7.96 -15.31 -9.76
CA SER A 637 7.55 -13.96 -10.09
C SER A 637 6.68 -13.40 -8.97
N VAL A 638 6.67 -12.07 -8.87
CA VAL A 638 5.90 -11.35 -7.86
C VAL A 638 4.58 -10.92 -8.49
N VAL A 639 3.47 -11.20 -7.80
CA VAL A 639 2.13 -10.95 -8.33
C VAL A 639 1.44 -9.94 -7.42
N ALA A 640 0.80 -8.95 -8.03
CA ALA A 640 0.00 -7.95 -7.33
C ALA A 640 -1.44 -8.07 -7.83
N MET A 641 -2.25 -8.83 -7.10
CA MET A 641 -3.63 -9.10 -7.48
C MET A 641 -4.59 -8.33 -6.58
N THR A 642 -5.57 -7.67 -7.19
CA THR A 642 -6.58 -6.91 -6.48
C THR A 642 -7.89 -7.68 -6.49
N GLY A 643 -8.51 -7.81 -5.32
CA GLY A 643 -9.76 -8.53 -5.19
C GLY A 643 -10.76 -7.75 -4.38
N ASP A 644 -12.04 -8.06 -4.59
CA ASP A 644 -13.13 -7.39 -3.89
C ASP A 644 -14.21 -8.37 -3.45
N GLY A 645 -13.82 -9.61 -3.14
CA GLY A 645 -14.78 -10.62 -2.74
C GLY A 645 -14.32 -11.33 -1.47
N VAL A 646 -15.30 -11.95 -0.80
CA VAL A 646 -15.00 -12.68 0.42
C VAL A 646 -14.12 -13.89 0.12
N ASN A 647 -14.42 -14.61 -0.97
CA ASN A 647 -13.65 -15.80 -1.32
C ASN A 647 -12.33 -15.47 -2.01
N ASP A 648 -12.06 -14.20 -2.29
CA ASP A 648 -10.74 -13.79 -2.77
C ASP A 648 -9.77 -13.50 -1.64
N ALA A 649 -10.19 -13.67 -0.38
CA ALA A 649 -9.31 -13.38 0.74
C ALA A 649 -8.10 -14.29 0.76
N VAL A 650 -8.29 -15.57 0.42
CA VAL A 650 -7.16 -16.51 0.38
C VAL A 650 -6.19 -16.11 -0.71
N ALA A 651 -6.70 -15.66 -1.87
CA ALA A 651 -5.83 -15.21 -2.94
C ALA A 651 -5.01 -14.00 -2.53
N LEU A 652 -5.64 -13.05 -1.82
CA LEU A 652 -4.92 -11.88 -1.34
C LEU A 652 -3.87 -12.26 -0.29
N LYS A 653 -4.20 -13.20 0.59
CA LYS A 653 -3.24 -13.64 1.60
C LYS A 653 -2.03 -14.32 0.96
N ALA A 654 -2.29 -15.20 -0.02
CA ALA A 654 -1.17 -15.87 -0.69
C ALA A 654 -0.33 -14.90 -1.50
N ALA A 655 -0.97 -13.94 -2.17
CA ALA A 655 -0.24 -12.96 -2.95
C ALA A 655 0.56 -12.03 -2.04
N ASP A 656 1.80 -11.76 -2.43
CA ASP A 656 2.65 -10.88 -1.63
C ASP A 656 2.16 -9.44 -1.67
N ILE A 657 1.60 -9.02 -2.80
CA ILE A 657 1.20 -7.63 -3.00
C ILE A 657 -0.31 -7.59 -3.24
N GLY A 658 -1.05 -8.48 -2.58
CA GLY A 658 -2.49 -8.48 -2.69
C GLY A 658 -3.11 -7.16 -2.30
N VAL A 659 -4.02 -6.64 -3.13
CA VAL A 659 -4.62 -5.33 -2.93
C VAL A 659 -6.09 -5.51 -2.61
N ALA A 660 -6.57 -4.74 -1.63
CA ALA A 660 -7.97 -4.73 -1.26
C ALA A 660 -8.65 -3.48 -1.80
N MET A 661 -9.96 -3.41 -1.61
CA MET A 661 -10.77 -2.28 -2.06
C MET A 661 -11.38 -1.56 -0.86
N GLY A 662 -11.56 -0.26 -1.01
CA GLY A 662 -12.10 0.55 0.07
C GLY A 662 -13.61 0.66 0.06
N GLN A 663 -14.19 0.93 -1.11
CA GLN A 663 -15.64 1.10 -1.22
C GLN A 663 -16.34 -0.20 -1.63
N THR A 664 -15.72 -0.99 -2.50
CA THR A 664 -16.30 -2.24 -2.98
C THR A 664 -15.64 -3.46 -2.33
N GLY A 665 -14.82 -3.27 -1.32
CA GLY A 665 -14.12 -4.37 -0.66
C GLY A 665 -14.67 -4.61 0.73
N THR A 666 -14.72 -5.88 1.12
CA THR A 666 -15.19 -6.26 2.44
C THR A 666 -14.09 -6.10 3.48
N ASP A 667 -14.47 -6.23 4.75
CA ASP A 667 -13.49 -6.10 5.82
C ASP A 667 -12.54 -7.29 5.84
N VAL A 668 -13.03 -8.48 5.46
CA VAL A 668 -12.18 -9.67 5.44
C VAL A 668 -11.05 -9.49 4.44
N CYS A 669 -11.38 -9.03 3.22
CA CYS A 669 -10.34 -8.79 2.23
C CYS A 669 -9.49 -7.58 2.59
N LYS A 670 -10.08 -6.61 3.29
CA LYS A 670 -9.31 -5.47 3.76
C LYS A 670 -8.21 -5.90 4.72
N GLU A 671 -8.54 -6.78 5.67
CA GLU A 671 -7.55 -7.25 6.63
C GLU A 671 -6.57 -8.24 5.98
N ALA A 672 -7.08 -9.12 5.12
CA ALA A 672 -6.22 -10.13 4.50
C ALA A 672 -5.16 -9.51 3.60
N ALA A 673 -5.55 -8.53 2.78
CA ALA A 673 -4.63 -7.91 1.84
C ALA A 673 -3.70 -6.93 2.56
N ASP A 674 -2.53 -6.71 1.95
CA ASP A 674 -1.53 -5.80 2.48
C ASP A 674 -1.64 -4.40 1.89
N MET A 675 -2.61 -4.15 1.01
CA MET A 675 -2.76 -2.84 0.39
C MET A 675 -4.25 -2.57 0.20
N ILE A 676 -4.69 -1.39 0.61
CA ILE A 676 -6.09 -0.99 0.52
C ILE A 676 -6.16 0.33 -0.23
N LEU A 677 -7.04 0.40 -1.24
CA LEU A 677 -7.25 1.60 -2.02
C LEU A 677 -8.66 2.11 -1.75
N VAL A 678 -8.77 3.38 -1.34
CA VAL A 678 -10.08 3.97 -1.09
C VAL A 678 -10.82 4.24 -2.39
N ASP A 679 -10.11 4.29 -3.52
CA ASP A 679 -10.72 4.49 -4.82
C ASP A 679 -10.18 3.43 -5.78
N ASP A 680 -11.08 2.80 -6.53
CA ASP A 680 -10.71 1.73 -7.45
C ASP A 680 -10.25 2.35 -8.77
N ASP A 681 -8.95 2.30 -9.03
CA ASP A 681 -8.39 2.81 -10.28
C ASP A 681 -7.04 2.16 -10.52
N PHE A 682 -6.66 2.09 -11.80
CA PHE A 682 -5.36 1.53 -12.18
C PHE A 682 -4.33 2.65 -12.34
N GLN A 683 -4.14 3.40 -11.26
CA GLN A 683 -3.17 4.49 -11.23
C GLN A 683 -2.28 4.50 -10.01
N THR A 684 -2.67 3.87 -8.91
CA THR A 684 -1.85 3.86 -7.70
C THR A 684 -0.73 2.82 -7.75
N ILE A 685 -0.82 1.85 -8.66
CA ILE A 685 0.23 0.84 -8.76
C ILE A 685 1.51 1.45 -9.31
N MET A 686 1.40 2.27 -10.36
CA MET A 686 2.55 3.04 -10.82
C MET A 686 3.04 3.98 -9.73
N SER A 687 2.11 4.55 -8.95
CA SER A 687 2.51 5.39 -7.83
C SER A 687 3.26 4.57 -6.78
N ALA A 688 2.81 3.35 -6.51
CA ALA A 688 3.52 2.48 -5.58
C ALA A 688 4.95 2.22 -6.07
N ILE A 689 5.09 1.89 -7.36
CA ILE A 689 6.42 1.64 -7.92
C ILE A 689 7.27 2.91 -7.84
N GLU A 690 6.67 4.07 -8.13
CA GLU A 690 7.44 5.31 -8.16
C GLU A 690 7.96 5.68 -6.77
N GLU A 691 7.11 5.65 -5.75
CA GLU A 691 7.60 5.90 -4.39
C GLU A 691 8.59 4.84 -3.92
N GLY A 692 8.37 3.57 -4.26
CA GLY A 692 9.34 2.56 -3.87
C GLY A 692 10.71 2.81 -4.47
N LYS A 693 10.75 3.11 -5.78
CA LYS A 693 12.03 3.40 -6.42
C LYS A 693 12.62 4.70 -5.90
N GLY A 694 11.80 5.68 -5.57
CA GLY A 694 12.31 6.92 -5.02
C GLY A 694 12.95 6.76 -3.65
N ILE A 695 12.30 6.00 -2.77
CA ILE A 695 12.90 5.77 -1.46
C ILE A 695 14.15 4.90 -1.59
N TYR A 696 14.15 3.94 -2.52
CA TYR A 696 15.38 3.17 -2.75
C TYR A 696 16.52 4.07 -3.25
N ASN A 697 16.20 5.00 -4.15
CA ASN A 697 17.22 5.92 -4.65
C ASN A 697 17.72 6.84 -3.53
N ASN A 698 16.83 7.28 -2.64
CA ASN A 698 17.27 8.10 -1.51
C ASN A 698 18.19 7.32 -0.59
N ILE A 699 17.86 6.04 -0.34
CA ILE A 699 18.72 5.20 0.48
C ILE A 699 20.09 5.03 -0.19
N LYS A 700 20.09 4.86 -1.51
CA LYS A 700 21.35 4.75 -2.25
C LYS A 700 22.16 6.04 -2.14
N ASN A 701 21.49 7.19 -2.21
CA ASN A 701 22.18 8.46 -2.06
C ASN A 701 22.84 8.57 -0.69
N PHE A 702 22.08 8.21 0.36
CA PHE A 702 22.62 8.26 1.71
C PHE A 702 23.82 7.34 1.85
N VAL A 703 23.71 6.11 1.34
CA VAL A 703 24.79 5.14 1.46
C VAL A 703 26.03 5.62 0.72
N ARG A 704 25.84 6.12 -0.50
CA ARG A 704 26.98 6.60 -1.29
C ARG A 704 27.67 7.77 -0.61
N PHE A 705 26.90 8.74 -0.11
CA PHE A 705 27.50 9.90 0.54
C PHE A 705 28.26 9.50 1.80
N GLN A 706 27.66 8.66 2.64
CA GLN A 706 28.31 8.23 3.86
C GLN A 706 29.58 7.45 3.57
N LEU A 707 29.52 6.52 2.60
CA LEU A 707 30.69 5.72 2.26
C LEU A 707 31.80 6.60 1.70
N SER A 708 31.46 7.54 0.83
CA SER A 708 32.48 8.43 0.26
C SER A 708 33.14 9.27 1.34
N THR A 709 32.34 9.85 2.24
CA THR A 709 32.91 10.68 3.30
C THR A 709 33.81 9.86 4.22
N SER A 710 33.35 8.67 4.62
CA SER A 710 34.15 7.83 5.51
C SER A 710 35.44 7.38 4.83
N ILE A 711 35.36 6.98 3.56
CA ILE A 711 36.56 6.53 2.85
C ILE A 711 37.55 7.66 2.70
N ALA A 712 37.07 8.86 2.36
CA ALA A 712 37.96 10.01 2.21
C ALA A 712 38.65 10.34 3.54
N ALA A 713 37.88 10.37 4.63
CA ALA A 713 38.46 10.68 5.93
C ALA A 713 39.48 9.64 6.35
N LEU A 714 39.15 8.35 6.18
CA LEU A 714 40.07 7.29 6.58
C LEU A 714 41.33 7.32 5.74
N THR A 715 41.21 7.54 4.43
CA THR A 715 42.39 7.61 3.58
C THR A 715 43.27 8.79 3.94
N LEU A 716 42.65 9.95 4.23
CA LEU A 716 43.44 11.11 4.63
C LEU A 716 44.18 10.85 5.93
N ILE A 717 43.50 10.24 6.91
CA ILE A 717 44.16 9.97 8.18
C ILE A 717 45.29 8.94 8.01
N SER A 718 45.05 7.92 7.18
CA SER A 718 46.09 6.92 6.93
C SER A 718 47.31 7.53 6.26
N LEU A 719 47.10 8.42 5.29
CA LEU A 719 48.23 9.06 4.62
C LEU A 719 48.94 10.02 5.59
N ALA A 720 48.20 10.68 6.47
CA ALA A 720 48.83 11.54 7.45
C ALA A 720 49.69 10.75 8.42
N THR A 721 49.21 9.59 8.86
CA THR A 721 49.96 8.78 9.80
C THR A 721 51.18 8.13 9.14
N LEU A 722 51.00 7.60 7.93
CA LEU A 722 52.08 6.87 7.27
C LEU A 722 53.23 7.78 6.87
N MET A 723 52.92 9.00 6.44
CA MET A 723 53.94 9.93 5.95
C MET A 723 54.63 10.69 7.07
N ASN A 724 54.24 10.46 8.33
CA ASN A 724 54.91 11.04 9.49
C ASN A 724 54.86 12.57 9.49
N PHE A 725 53.64 13.10 9.43
CA PHE A 725 53.38 14.51 9.66
C PHE A 725 52.08 14.64 10.42
N PRO A 726 51.92 15.70 11.22
CA PRO A 726 50.72 15.82 12.06
C PRO A 726 49.45 15.87 11.21
N ASN A 727 48.41 15.20 11.69
CA ASN A 727 47.14 15.15 10.99
C ASN A 727 46.40 16.46 11.18
N PRO A 728 45.97 17.15 10.11
CA PRO A 728 45.24 18.41 10.25
C PRO A 728 43.73 18.21 10.44
N LEU A 729 43.37 17.31 11.37
CA LEU A 729 41.97 17.06 11.67
C LEU A 729 41.65 17.02 13.15
N ASN A 730 42.61 16.73 14.02
CA ASN A 730 42.43 16.74 15.48
C ASN A 730 41.28 15.79 15.84
N ALA A 731 40.56 16.08 16.92
CA ALA A 731 39.44 15.26 17.37
C ALA A 731 38.11 15.98 17.37
N MET A 732 38.08 17.24 17.81
CA MET A 732 36.83 18.00 17.80
C MET A 732 36.36 18.26 16.37
N GLN A 733 37.28 18.61 15.47
CA GLN A 733 36.93 18.77 14.07
C GLN A 733 36.47 17.46 13.45
N ILE A 734 37.08 16.34 13.88
CA ILE A 734 36.64 15.04 13.40
C ILE A 734 35.22 14.76 13.88
N LEU A 735 34.91 15.11 15.13
CA LEU A 735 33.55 14.93 15.63
C LEU A 735 32.55 15.79 14.86
N TRP A 736 32.93 17.03 14.54
CA TRP A 736 32.05 17.88 13.74
C TRP A 736 31.83 17.29 12.35
N ILE A 737 32.90 16.78 11.74
CA ILE A 737 32.77 16.13 10.43
C ILE A 737 31.86 14.92 10.52
N ASN A 738 31.96 14.16 11.61
CA ASN A 738 31.08 13.02 11.83
C ASN A 738 29.63 13.46 11.93
N ILE A 739 29.38 14.52 12.72
CA ILE A 739 28.02 15.03 12.86
C ILE A 739 27.47 15.46 11.50
N ILE A 740 28.31 16.07 10.68
CA ILE A 740 27.91 16.43 9.32
C ILE A 740 27.59 15.18 8.50
N MET A 741 28.41 14.14 8.63
CA MET A 741 28.31 13.00 7.73
C MET A 741 27.05 12.17 7.98
N ASP A 742 26.60 12.06 9.23
CA ASP A 742 25.34 11.39 9.54
C ASP A 742 24.61 12.24 10.59
N GLY A 743 23.80 13.18 10.10
CA GLY A 743 23.07 14.08 10.95
C GLY A 743 22.00 14.82 10.17
N PRO A 744 21.85 16.11 10.45
CA PRO A 744 20.87 16.92 9.72
C PRO A 744 21.11 16.90 8.21
N PRO A 745 22.35 17.09 7.73
CA PRO A 745 22.55 17.04 6.27
C PRO A 745 22.33 15.65 5.68
N ALA A 746 22.74 14.60 6.38
CA ALA A 746 22.53 13.25 5.87
C ALA A 746 21.05 12.93 5.77
N GLN A 747 20.27 13.30 6.78
CA GLN A 747 18.83 13.09 6.73
C GLN A 747 18.16 13.99 5.70
N SER A 748 18.70 15.19 5.46
CA SER A 748 18.19 16.04 4.38
C SER A 748 18.42 15.38 3.02
N LEU A 749 19.59 14.77 2.84
CA LEU A 749 19.85 14.02 1.61
C LEU A 749 18.91 12.82 1.50
N GLY A 750 18.66 12.15 2.63
CA GLY A 750 17.77 11.00 2.61
C GLY A 750 16.33 11.37 2.27
N VAL A 751 15.89 12.54 2.71
CA VAL A 751 14.54 13.02 2.45
C VAL A 751 14.56 13.73 1.10
N GLU A 752 13.84 13.18 0.12
CA GLU A 752 13.85 13.74 -1.23
C GLU A 752 12.56 13.36 -1.93
N PRO A 753 11.91 14.30 -2.64
CA PRO A 753 10.72 13.93 -3.41
C PRO A 753 11.05 12.95 -4.53
N VAL A 754 10.05 12.14 -4.87
CA VAL A 754 10.25 11.12 -5.90
C VAL A 754 10.44 11.79 -7.26
N ASP A 755 11.50 11.37 -7.96
CA ASP A 755 11.80 11.94 -9.27
C ASP A 755 10.71 11.58 -10.27
N LYS A 756 10.45 12.51 -11.21
CA LYS A 756 9.43 12.28 -12.22
C LYS A 756 9.81 11.12 -13.13
N ASP A 757 11.07 11.06 -13.56
CA ASP A 757 11.54 10.01 -14.46
C ASP A 757 12.20 8.91 -13.62
N VAL A 758 11.36 8.08 -13.01
CA VAL A 758 11.84 6.95 -12.20
C VAL A 758 11.12 5.68 -12.63
N ILE A 759 10.04 5.84 -13.41
CA ILE A 759 9.27 4.68 -13.88
C ILE A 759 9.86 4.06 -15.14
N ARG A 760 10.76 4.75 -15.84
CA ARG A 760 11.38 4.22 -17.05
C ARG A 760 12.65 3.44 -16.70
N LYS A 761 12.46 2.39 -15.89
CA LYS A 761 13.55 1.56 -15.41
C LYS A 761 13.02 0.15 -15.17
N PRO A 762 13.78 -0.87 -15.54
CA PRO A 762 13.32 -2.24 -15.28
C PRO A 762 13.20 -2.49 -13.80
N PRO A 763 12.28 -3.38 -13.39
CA PRO A 763 12.08 -3.62 -11.96
C PRO A 763 13.33 -4.21 -11.31
N ARG A 764 13.51 -3.86 -10.03
CA ARG A 764 14.67 -4.31 -9.28
C ARG A 764 14.53 -5.78 -8.89
N ASN A 765 15.66 -6.38 -8.50
CA ASN A 765 15.70 -7.75 -8.03
C ASN A 765 15.82 -7.76 -6.52
N TRP A 766 15.07 -8.66 -5.88
CA TRP A 766 15.07 -8.73 -4.42
C TRP A 766 16.42 -9.17 -3.86
N LYS A 767 17.18 -9.95 -4.63
CA LYS A 767 18.48 -10.44 -4.18
C LYS A 767 19.63 -9.48 -4.46
N ASP A 768 19.36 -8.37 -5.16
CA ASP A 768 20.41 -7.41 -5.44
C ASP A 768 20.82 -6.66 -4.18
N SER A 769 22.10 -6.35 -4.09
CA SER A 769 22.64 -5.62 -2.94
C SER A 769 22.46 -4.12 -3.16
N ILE A 770 23.03 -3.32 -2.25
CA ILE A 770 22.93 -1.87 -2.34
C ILE A 770 24.16 -1.24 -2.99
N LEU A 771 25.27 -1.96 -3.08
CA LEU A 771 26.51 -1.44 -3.65
C LEU A 771 26.69 -2.00 -5.06
N THR A 772 26.82 -1.11 -6.04
CA THR A 772 27.03 -1.48 -7.43
C THR A 772 28.40 -0.99 -7.89
N LYS A 773 28.78 -1.41 -9.10
CA LYS A 773 30.07 -1.00 -9.64
C LYS A 773 30.11 0.51 -9.88
N ASN A 774 29.03 1.08 -10.41
CA ASN A 774 28.98 2.52 -10.66
C ASN A 774 29.05 3.30 -9.36
N LEU A 775 28.31 2.86 -8.35
CA LEU A 775 28.33 3.55 -7.06
C LEU A 775 29.71 3.50 -6.43
N ILE A 776 30.36 2.33 -6.48
CA ILE A 776 31.70 2.19 -5.92
C ILE A 776 32.69 3.08 -6.66
N LEU A 777 32.59 3.10 -8.00
CA LEU A 777 33.48 3.95 -8.79
C LEU A 777 33.28 5.43 -8.46
N LYS A 778 32.03 5.85 -8.34
CA LYS A 778 31.76 7.25 -8.00
C LYS A 778 32.28 7.60 -6.61
N ILE A 779 32.09 6.69 -5.65
CA ILE A 779 32.57 6.93 -4.29
C ILE A 779 34.09 7.05 -4.29
N LEU A 780 34.77 6.15 -4.99
CA LEU A 780 36.23 6.19 -5.05
C LEU A 780 36.71 7.47 -5.73
N VAL A 781 36.05 7.88 -6.81
CA VAL A 781 36.45 9.09 -7.52
C VAL A 781 36.29 10.31 -6.61
N SER A 782 35.14 10.41 -5.93
CA SER A 782 34.92 11.54 -5.04
C SER A 782 35.93 11.56 -3.90
N SER A 783 36.20 10.41 -3.30
CA SER A 783 37.16 10.35 -2.20
C SER A 783 38.57 10.73 -2.67
N ILE A 784 38.98 10.22 -3.83
CA ILE A 784 40.32 10.55 -4.32
C ILE A 784 40.42 12.02 -4.69
N ILE A 785 39.35 12.61 -5.23
CA ILE A 785 39.38 14.02 -5.56
C ILE A 785 39.46 14.87 -4.30
N ILE A 786 38.70 14.51 -3.27
CA ILE A 786 38.77 15.23 -2.01
C ILE A 786 40.16 15.13 -1.40
N VAL A 787 40.74 13.92 -1.44
CA VAL A 787 42.08 13.72 -0.89
C VAL A 787 43.11 14.54 -1.66
N CYS A 788 43.01 14.55 -2.98
CA CYS A 788 43.95 15.33 -3.79
C CYS A 788 43.81 16.83 -3.52
N GLY A 789 42.57 17.30 -3.37
CA GLY A 789 42.37 18.71 -3.04
C GLY A 789 42.95 19.07 -1.68
N THR A 790 42.74 18.21 -0.69
CA THR A 790 43.31 18.46 0.64
C THR A 790 44.84 18.44 0.59
N LEU A 791 45.42 17.51 -0.17
CA LEU A 791 46.87 17.45 -0.30
C LEU A 791 47.41 18.70 -0.99
N PHE A 792 46.73 19.18 -2.02
CA PHE A 792 47.15 20.41 -2.68
C PHE A 792 47.06 21.60 -1.74
N VAL A 793 45.99 21.66 -0.95
CA VAL A 793 45.84 22.73 0.03
C VAL A 793 46.98 22.70 1.03
N PHE A 794 47.32 21.51 1.53
CA PHE A 794 48.43 21.38 2.47
C PHE A 794 49.75 21.77 1.84
N TRP A 795 49.98 21.36 0.59
CA TRP A 795 51.23 21.69 -0.09
C TRP A 795 51.37 23.19 -0.29
N ARG A 796 50.30 23.86 -0.72
CA ARG A 796 50.32 25.31 -0.84
C ARG A 796 50.25 26.00 0.51
N GLU A 797 50.01 25.26 1.59
CA GLU A 797 49.79 25.80 2.91
C GLU A 797 51.06 25.81 3.76
N LEU A 798 51.87 24.77 3.66
CA LEU A 798 53.09 24.63 4.47
C LEU A 798 54.30 24.77 3.56
N ARG A 799 54.87 25.96 3.52
CA ARG A 799 56.09 26.23 2.76
C ARG A 799 57.24 26.63 3.67
N ASP A 800 57.12 26.37 4.98
CA ASP A 800 58.16 26.72 5.95
C ASP A 800 58.12 25.69 7.07
N ASN A 801 58.82 26.00 8.16
CA ASN A 801 58.90 25.11 9.31
C ASN A 801 57.94 25.48 10.44
N VAL A 802 57.39 26.69 10.41
CA VAL A 802 56.48 27.13 11.48
C VAL A 802 55.09 26.60 11.18
N ILE A 803 54.48 25.92 12.16
CA ILE A 803 53.14 25.37 12.04
C ILE A 803 52.23 26.11 13.01
N THR A 804 51.13 26.65 12.48
CA THR A 804 50.18 27.44 13.25
C THR A 804 48.81 26.78 13.20
N PRO A 805 47.96 27.03 14.20
CA PRO A 805 46.57 26.50 14.15
C PRO A 805 45.77 27.05 12.99
N ARG A 806 46.19 28.16 12.39
CA ARG A 806 45.49 28.69 11.22
C ARG A 806 45.52 27.71 10.06
N ASP A 807 46.65 27.01 9.88
CA ASP A 807 46.74 26.00 8.84
C ASP A 807 45.75 24.86 9.08
N THR A 808 45.65 24.40 10.32
CA THR A 808 44.70 23.34 10.64
C THR A 808 43.26 23.81 10.44
N THR A 809 42.98 25.06 10.80
CA THR A 809 41.63 25.60 10.57
C THR A 809 41.32 25.68 9.08
N MET A 810 42.30 26.09 8.27
CA MET A 810 42.09 26.16 6.83
C MET A 810 41.84 24.76 6.26
N THR A 811 42.59 23.76 6.72
CA THR A 811 42.38 22.40 6.26
C THR A 811 40.99 21.90 6.66
N PHE A 812 40.56 22.20 7.90
CA PHE A 812 39.24 21.78 8.35
C PHE A 812 38.14 22.45 7.54
N THR A 813 38.31 23.75 7.24
CA THR A 813 37.32 24.45 6.42
C THR A 813 37.27 23.87 5.02
N CYS A 814 38.42 23.53 4.45
CA CYS A 814 38.45 22.90 3.13
C CYS A 814 37.74 21.56 3.15
N PHE A 815 37.97 20.77 4.19
CA PHE A 815 37.30 19.47 4.31
C PHE A 815 35.79 19.64 4.45
N VAL A 816 35.36 20.62 5.25
CA VAL A 816 33.93 20.87 5.42
C VAL A 816 33.30 21.29 4.10
N PHE A 817 33.96 22.19 3.36
CA PHE A 817 33.44 22.62 2.07
C PHE A 817 33.39 21.47 1.08
N PHE A 818 34.41 20.61 1.09
CA PHE A 818 34.42 19.44 0.21
C PHE A 818 33.25 18.51 0.54
N ASP A 819 33.01 18.27 1.84
CA ASP A 819 31.89 17.42 2.23
C ASP A 819 30.56 18.03 1.82
N MET A 820 30.40 19.34 2.00
CA MET A 820 29.16 20.00 1.61
C MET A 820 28.94 19.92 0.10
N PHE A 821 30.00 20.14 -0.69
CA PHE A 821 29.87 20.07 -2.14
C PHE A 821 29.58 18.65 -2.60
N ASN A 822 30.19 17.64 -1.95
CA ASN A 822 29.89 16.26 -2.27
C ASN A 822 28.43 15.93 -1.97
N ALA A 823 27.93 16.39 -0.82
CA ALA A 823 26.52 16.17 -0.49
C ALA A 823 25.60 16.92 -1.46
N LEU A 824 26.06 18.04 -2.01
CA LEU A 824 25.24 18.78 -2.96
C LEU A 824 25.00 17.97 -4.23
N SER A 825 26.02 17.27 -4.72
CA SER A 825 25.95 16.52 -5.96
C SER A 825 25.59 15.05 -5.75
N SER A 826 25.29 14.65 -4.51
CA SER A 826 24.98 13.26 -4.21
C SER A 826 23.49 13.00 -4.08
N ARG A 827 22.65 13.96 -4.48
CA ARG A 827 21.20 13.80 -4.38
C ARG A 827 20.57 13.22 -5.64
N SER A 828 21.37 12.86 -6.64
CA SER A 828 20.82 12.30 -7.88
C SER A 828 21.92 11.52 -8.59
N GLN A 829 21.71 10.21 -8.74
CA GLN A 829 22.64 9.38 -9.50
C GLN A 829 22.55 9.63 -11.00
N THR A 830 21.44 10.18 -11.48
CA THR A 830 21.30 10.41 -12.92
C THR A 830 20.94 11.85 -13.24
N LYS A 831 20.11 12.50 -12.44
CA LYS A 831 19.70 13.88 -12.72
C LYS A 831 20.85 14.84 -12.43
N SER A 832 20.84 15.96 -13.15
CA SER A 832 21.85 16.99 -12.96
C SER A 832 21.47 17.92 -11.81
N VAL A 833 22.33 18.89 -11.53
CA VAL A 833 22.08 19.81 -10.42
C VAL A 833 20.91 20.74 -10.74
N PHE A 834 20.78 21.18 -11.99
CA PHE A 834 19.70 22.08 -12.37
C PHE A 834 18.49 21.35 -12.91
N GLU A 835 18.58 20.05 -13.18
CA GLU A 835 17.41 19.31 -13.65
C GLU A 835 16.36 19.18 -12.55
N ILE A 836 16.80 18.95 -11.31
CA ILE A 836 15.88 18.84 -10.19
C ILE A 836 15.56 20.19 -9.57
N GLY A 837 16.29 21.24 -9.92
CA GLY A 837 16.06 22.56 -9.37
C GLY A 837 16.98 22.89 -8.21
N LEU A 838 17.38 24.16 -8.11
CA LEU A 838 18.24 24.58 -7.02
C LEU A 838 17.54 24.48 -5.68
N CYS A 839 16.26 24.85 -5.63
CA CYS A 839 15.46 24.83 -4.40
C CYS A 839 14.25 23.92 -4.65
N SER A 840 14.44 22.63 -4.41
CA SER A 840 13.36 21.65 -4.49
C SER A 840 13.08 21.00 -3.14
N ASN A 841 14.11 20.48 -2.48
CA ASN A 841 13.99 19.95 -1.13
C ASN A 841 14.50 21.03 -0.18
N ARG A 842 13.57 21.78 0.42
CA ARG A 842 13.96 22.88 1.30
C ARG A 842 14.69 22.39 2.55
N MET A 843 14.51 21.12 2.93
CA MET A 843 15.23 20.58 4.08
C MET A 843 16.73 20.59 3.83
N PHE A 844 17.15 20.23 2.61
CA PHE A 844 18.57 20.24 2.27
C PHE A 844 19.14 21.66 2.33
N CYS A 845 18.41 22.63 1.77
CA CYS A 845 18.88 24.01 1.81
C CYS A 845 18.96 24.54 3.24
N TYR A 846 17.97 24.21 4.07
CA TYR A 846 18.00 24.63 5.46
C TYR A 846 19.19 24.01 6.19
N ALA A 847 19.45 22.73 5.95
CA ALA A 847 20.60 22.08 6.58
C ALA A 847 21.91 22.70 6.12
N VAL A 848 22.03 23.00 4.83
CA VAL A 848 23.25 23.63 4.32
C VAL A 848 23.46 25.00 4.97
N LEU A 849 22.40 25.79 5.05
CA LEU A 849 22.50 27.10 5.68
C LEU A 849 22.86 26.98 7.15
N GLY A 850 22.24 26.04 7.86
CA GLY A 850 22.56 25.84 9.27
C GLY A 850 24.00 25.42 9.49
N SER A 851 24.51 24.53 8.62
CA SER A 851 25.91 24.13 8.72
C SER A 851 26.83 25.31 8.43
N ILE A 852 26.47 26.15 7.47
CA ILE A 852 27.29 27.32 7.16
C ILE A 852 27.36 28.26 8.35
N MET A 853 26.21 28.56 8.96
CA MET A 853 26.21 29.42 10.13
C MET A 853 26.93 28.79 11.31
N GLY A 854 26.80 27.48 11.50
CA GLY A 854 27.52 26.81 12.57
C GLY A 854 29.03 26.89 12.38
N GLN A 855 29.50 26.67 11.16
CA GLN A 855 30.93 26.80 10.88
C GLN A 855 31.41 28.22 11.10
N LEU A 856 30.62 29.21 10.65
CA LEU A 856 31.00 30.60 10.86
C LEU A 856 31.08 30.94 12.34
N LEU A 857 30.10 30.46 13.12
CA LEU A 857 30.12 30.70 14.56
C LEU A 857 31.33 30.03 15.21
N VAL A 858 31.65 28.80 14.79
CA VAL A 858 32.82 28.11 15.32
C VAL A 858 34.09 28.91 15.03
N ILE A 859 34.17 29.48 13.83
CA ILE A 859 35.34 30.28 13.46
C ILE A 859 35.40 31.57 14.28
N TYR A 860 34.25 32.18 14.55
CA TYR A 860 34.19 33.55 15.06
C TYR A 860 33.39 33.63 16.36
N PHE A 861 33.70 32.75 17.31
CA PHE A 861 33.14 32.87 18.66
C PHE A 861 34.23 32.58 19.67
N PRO A 862 34.59 33.54 20.52
CA PRO A 862 35.73 33.36 21.44
C PRO A 862 35.60 32.11 22.29
N PRO A 863 34.41 31.78 22.82
CA PRO A 863 34.28 30.47 23.48
C PRO A 863 34.50 29.30 22.53
N LEU A 864 33.83 29.33 21.38
CA LEU A 864 34.09 28.32 20.36
C LEU A 864 35.50 28.43 19.78
N GLN A 865 36.11 29.63 19.84
CA GLN A 865 37.51 29.76 19.45
C GLN A 865 38.41 28.98 20.39
N LYS A 866 38.19 29.11 21.70
CA LYS A 866 38.99 28.33 22.65
C LYS A 866 38.69 26.84 22.51
N VAL A 867 37.43 26.50 22.23
CA VAL A 867 37.05 25.08 22.14
C VAL A 867 37.71 24.43 20.93
N PHE A 868 37.62 25.08 19.77
CA PHE A 868 38.05 24.49 18.50
C PHE A 868 39.41 25.00 18.02
N GLN A 869 40.10 25.80 18.83
CA GLN A 869 41.41 26.38 18.50
C GLN A 869 41.52 26.79 17.03
N THR A 870 40.49 27.48 16.56
CA THR A 870 40.35 27.81 15.15
C THR A 870 41.16 29.03 14.72
N GLU A 871 41.67 29.83 15.65
CA GLU A 871 42.42 31.05 15.35
C GLU A 871 41.53 31.94 14.46
N SER A 872 42.04 32.50 13.38
CA SER A 872 41.24 33.34 12.50
C SER A 872 41.76 33.22 11.08
N LEU A 873 40.91 33.59 10.13
CA LEU A 873 41.26 33.54 8.71
C LEU A 873 40.91 34.85 8.01
N SER A 874 41.02 34.88 6.69
CA SER A 874 40.75 36.08 5.91
C SER A 874 39.71 35.78 4.84
N ILE A 875 39.14 36.85 4.29
CA ILE A 875 38.11 36.70 3.26
C ILE A 875 38.70 36.10 1.99
N LEU A 876 39.90 36.54 1.60
CA LEU A 876 40.52 36.03 0.38
C LEU A 876 40.80 34.54 0.48
N ASP A 877 41.29 34.08 1.64
CA ASP A 877 41.53 32.65 1.82
C ASP A 877 40.23 31.85 1.74
N LEU A 878 39.16 32.37 2.33
CA LEU A 878 37.87 31.69 2.26
C LEU A 878 37.37 31.62 0.82
N LEU A 879 37.53 32.71 0.06
CA LEU A 879 37.11 32.70 -1.34
C LEU A 879 37.93 31.71 -2.16
N PHE A 880 39.24 31.65 -1.91
CA PHE A 880 40.09 30.68 -2.61
C PHE A 880 39.68 29.25 -2.28
N LEU A 881 39.38 28.99 -1.00
CA LEU A 881 38.93 27.66 -0.61
C LEU A 881 37.61 27.31 -1.27
N LEU A 882 36.67 28.25 -1.32
CA LEU A 882 35.39 28.01 -1.97
C LEU A 882 35.56 27.73 -3.45
N GLY A 883 36.45 28.47 -4.11
CA GLY A 883 36.70 28.23 -5.53
C GLY A 883 37.36 26.88 -5.77
N LEU A 884 38.29 26.49 -4.91
CA LEU A 884 38.99 25.22 -5.10
C LEU A 884 38.15 24.03 -4.69
N THR A 885 37.29 24.18 -3.69
CA THR A 885 36.50 23.06 -3.18
C THR A 885 35.40 22.62 -4.12
N SER A 886 35.12 23.39 -5.18
CA SER A 886 34.05 23.05 -6.11
C SER A 886 34.47 22.01 -7.15
N SER A 887 35.67 21.45 -7.03
CA SER A 887 36.16 20.49 -8.01
C SER A 887 35.30 19.23 -8.05
N VAL A 888 34.86 18.76 -6.88
CA VAL A 888 34.07 17.53 -6.83
C VAL A 888 32.76 17.70 -7.57
N CYS A 889 32.07 18.82 -7.35
CA CYS A 889 30.75 19.02 -7.92
C CYS A 889 30.80 19.09 -9.44
N ILE A 890 31.72 19.88 -9.98
CA ILE A 890 31.79 20.04 -11.44
C ILE A 890 32.20 18.73 -12.11
N VAL A 891 33.19 18.04 -11.55
CA VAL A 891 33.64 16.78 -12.14
C VAL A 891 32.52 15.76 -12.11
N ALA A 892 31.82 15.65 -10.97
CA ALA A 892 30.70 14.71 -10.87
C ALA A 892 29.61 15.06 -11.87
N GLU A 893 29.29 16.34 -12.01
CA GLU A 893 28.25 16.75 -12.95
C GLU A 893 28.62 16.39 -14.38
N ILE A 894 29.87 16.67 -14.78
CA ILE A 894 30.26 16.41 -16.16
C ILE A 894 30.33 14.91 -16.43
N ILE A 895 30.82 14.12 -15.47
CA ILE A 895 30.91 12.68 -15.72
C ILE A 895 29.50 12.07 -15.77
N LYS A 896 28.60 12.51 -14.90
CA LYS A 896 27.22 12.04 -14.96
C LYS A 896 26.57 12.42 -16.29
N LYS A 897 26.79 13.66 -16.73
CA LYS A 897 26.18 14.12 -17.98
C LYS A 897 26.69 13.31 -19.18
N VAL A 898 28.01 13.10 -19.24
CA VAL A 898 28.56 12.37 -20.39
C VAL A 898 28.14 10.91 -20.36
N GLU A 899 28.10 10.30 -19.17
CA GLU A 899 27.65 8.91 -19.07
C GLU A 899 26.19 8.78 -19.50
N ARG A 900 25.33 9.67 -19.03
CA ARG A 900 23.92 9.63 -19.40
C ARG A 900 23.74 9.85 -20.90
N SER A 901 24.45 10.83 -21.46
CA SER A 901 24.33 11.10 -22.89
C SER A 901 24.80 9.91 -23.71
N ARG A 902 25.92 9.29 -23.32
CA ARG A 902 26.41 8.13 -24.05
C ARG A 902 25.43 6.97 -23.96
N GLU A 903 24.85 6.74 -22.77
CA GLU A 903 23.88 5.65 -22.63
C GLU A 903 22.65 5.89 -23.49
N LYS A 904 22.13 7.12 -23.47
CA LYS A 904 20.95 7.42 -24.28
C LYS A 904 21.25 7.29 -25.77
N ILE A 905 22.40 7.77 -26.21
CA ILE A 905 22.76 7.68 -27.63
C ILE A 905 22.91 6.22 -28.03
N GLN A 906 23.58 5.41 -27.20
CA GLN A 906 23.77 4.00 -27.53
C GLN A 906 22.44 3.26 -27.58
N LYS A 907 21.53 3.55 -26.65
CA LYS A 907 20.24 2.86 -26.67
C LYS A 907 19.35 3.34 -27.80
N HIS A 908 19.53 4.59 -28.25
CA HIS A 908 18.74 5.10 -29.37
C HIS A 908 19.25 4.53 -30.69
N VAL A 909 20.56 4.41 -30.84
CA VAL A 909 21.16 3.90 -32.06
C VAL A 909 21.25 2.37 -32.00
CA CA B . 29.29 8.07 12.82
MG MG C . -14.34 -11.04 -10.88
PG ACP D . -15.57 -9.07 -13.51
O1G ACP D . -15.32 -10.18 -12.59
O2G ACP D . -14.37 -8.98 -14.51
O3G ACP D . -15.67 -7.77 -12.64
PB ACP D . -18.34 -9.91 -13.47
O1B ACP D . -18.54 -9.14 -12.25
O2B ACP D . -19.70 -9.95 -14.27
C3B ACP D . -17.05 -9.20 -14.49
PA ACP D . -18.99 -12.35 -12.63
O1A ACP D . -19.69 -11.58 -11.57
O2A ACP D . -18.37 -13.68 -12.37
O3A ACP D . -17.87 -11.37 -13.12
O5' ACP D . -19.90 -12.39 -13.93
C5' ACP D . -19.60 -13.26 -15.00
C4' ACP D . -20.91 -13.48 -15.71
O4' ACP D . -21.96 -13.34 -14.78
C3' ACP D . -21.15 -12.43 -16.73
O3' ACP D . -20.91 -12.94 -18.02
C2' ACP D . -22.60 -12.13 -16.61
O2' ACP D . -23.21 -12.66 -17.76
C1' ACP D . -23.12 -12.86 -15.41
N9 ACP D . -23.88 -11.94 -14.54
C8 ACP D . -23.40 -10.90 -13.88
N7 ACP D . -24.36 -10.27 -13.19
C5 ACP D . -25.48 -10.93 -13.40
C6 ACP D . -26.86 -10.80 -12.99
N6 ACP D . -27.24 -9.81 -12.17
N1 ACP D . -27.75 -11.68 -13.42
C2 ACP D . -27.37 -12.66 -14.23
N3 ACP D . -26.12 -12.82 -14.65
C4 ACP D . -25.15 -12.01 -14.28
H3B1 ACP D . -16.88 -9.82 -15.37
H3B2 ACP D . -17.36 -8.20 -14.84
H5'1 ACP D . -19.22 -14.21 -14.64
H5'2 ACP D . -18.88 -12.81 -15.67
H4' ACP D . -20.93 -14.48 -16.19
H3' ACP D . -20.55 -11.54 -16.52
H2' ACP D . -22.77 -11.04 -16.51
H1' ACP D . -23.75 -13.70 -15.74
H8 ACP D . -22.36 -10.60 -13.91
H2 ACP D . -28.11 -13.36 -14.57
#